data_6SA8
#
_entry.id   6SA8
#
_cell.length_a   92.970
_cell.length_b   145.460
_cell.length_c   115.620
_cell.angle_alpha   90.000
_cell.angle_beta   90.000
_cell.angle_gamma   90.000
#
_symmetry.space_group_name_H-M   'C 2 2 21'
#
loop_
_entity.id
_entity.type
_entity.pdbx_description
1 polymer 'ring-like DARPin-Armadillo fusion H83_D01'
2 polymer LYS-ARG-LYS-ARG-LYS-ARG-LYS-ARG-LYS-ARG
3 non-polymer 1,2-ETHANEDIOL
4 water water
#
loop_
_entity_poly.entity_id
_entity_poly.type
_entity_poly.pdbx_seq_one_letter_code
_entity_poly.pdbx_strand_id
1 'polypeptide(L)'
;GPGSGGGGSCLGKKLLEAARAGQDDEVRILLANGADVNTADETGFTPLHLAAWEGHLGIVEVLLKNGADVNANDERGHTP
LHLAAYTGHLEIVEVLLKNGAGVNATDVIGTAPLHLAAMWGHLEIVEVLLKNGADPKAQDKFGKTPKDLAKDNGHEDVAK
LIDKKAQEEEEEEEKKKKILKDLVKKLSSPNENELQNALWTLGNIASGGNEQIQAVIDAGALPALVQLLSSPNEQILQEA
LWALSNIASGGNEQIQAVIDAGALPALVQLLSSPNEQILQEALWALSNIASGGNEQIQAVIDAGALPALVQLLSSPNEQI
LQEALWALSNIASGGNEQIQAVIDAGALPALVQLLSSPNEQILQEALWALSNIASGGNEQIQAVIDAGALPALVQLLSSP
NEQILQEALWALSNIASGGNEQIQAVIDAGALPALVQLLSSPNEQILQEALWALSNIASGGNEQIQAVIDAGALPALVQL
LSSPNEQIQDEAEKTLLNIANGSEEQQKAVYDAGALKYLLIIAAKRGFADRVRLYLRLGADQNTADETGFTPLHLAAWEG
HLGIVEVLLKNGADVNANDERGHTPLHLAAYTGHLEIVEVLLKNGAGVNATDVIGTAPLHLAAMCGHLEIVEVLLKNGAD
VNAQDKFGKTPFDLAIDNGNEDIAEVLQKAA
;
A
2 'polypeptide(L)' KRKRKRKRKR B
#
# COMPACT_ATOMS: atom_id res chain seq x y z
N GLY A 7 8.61 21.88 9.34
CA GLY A 7 7.54 21.32 8.57
C GLY A 7 6.20 21.99 8.81
N GLY A 8 5.38 22.06 7.77
CA GLY A 8 4.07 22.67 7.87
C GLY A 8 3.55 23.07 6.51
N SER A 9 2.23 23.32 6.49
CA SER A 9 1.57 23.84 5.29
C SER A 9 2.07 25.22 4.90
N CYS A 10 2.77 25.91 5.81
CA CYS A 10 3.47 27.14 5.47
C CYS A 10 4.71 26.87 4.64
N LEU A 11 5.39 25.76 4.92
CA LEU A 11 6.68 25.48 4.30
C LEU A 11 6.53 25.17 2.81
N GLY A 12 5.53 24.36 2.46
CA GLY A 12 5.31 24.04 1.07
C GLY A 12 4.26 24.92 0.42
N LYS A 13 4.34 26.22 0.64
CA LYS A 13 3.35 27.18 0.14
C LYS A 13 3.79 27.86 -1.15
N LYS A 14 4.98 28.46 -1.16
CA LYS A 14 5.46 29.21 -2.32
C LYS A 14 6.25 28.35 -3.30
N LEU A 15 6.61 27.12 -2.91
CA LEU A 15 7.15 26.16 -3.87
C LEU A 15 6.32 26.13 -5.14
N LEU A 16 4.99 26.20 -4.98
CA LEU A 16 4.09 26.10 -6.12
C LEU A 16 4.26 27.28 -7.07
N GLU A 17 4.44 28.49 -6.53
CA GLU A 17 4.62 29.67 -7.35
C GLU A 17 6.09 30.01 -7.58
N ALA A 18 7.00 29.49 -6.76
CA ALA A 18 8.43 29.65 -7.06
C ALA A 18 8.79 28.89 -8.33
N ALA A 19 8.24 27.68 -8.50
CA ALA A 19 8.46 26.95 -9.75
C ALA A 19 7.77 27.66 -10.91
N ARG A 20 6.53 28.09 -10.71
CA ARG A 20 5.81 28.84 -11.73
C ARG A 20 6.48 30.17 -12.07
N ALA A 21 7.35 30.65 -11.20
CA ALA A 21 8.15 31.84 -11.48
C ALA A 21 9.51 31.44 -12.00
N GLY A 22 10.31 30.77 -11.18
CA GLY A 22 11.54 30.16 -11.66
C GLY A 22 12.80 30.55 -10.93
N GLN A 23 12.75 30.61 -9.60
CA GLN A 23 13.92 30.91 -8.78
C GLN A 23 14.47 29.59 -8.23
N ASP A 24 15.61 29.15 -8.78
CA ASP A 24 16.31 28.01 -8.19
C ASP A 24 16.64 28.28 -6.73
N ASP A 25 16.98 29.53 -6.39
CA ASP A 25 17.29 29.87 -5.01
C ASP A 25 16.07 29.71 -4.10
N GLU A 26 14.98 30.40 -4.43
CA GLU A 26 13.81 30.36 -3.56
C GLU A 26 13.24 28.95 -3.44
N VAL A 27 13.21 28.21 -4.55
CA VAL A 27 12.86 26.79 -4.48
C VAL A 27 13.83 26.07 -3.54
N ARG A 28 15.10 26.44 -3.59
CA ARG A 28 16.12 25.76 -2.79
C ARG A 28 15.92 26.02 -1.29
N ILE A 29 15.65 27.27 -0.91
CA ILE A 29 15.47 27.55 0.52
C ILE A 29 14.11 27.04 1.01
N LEU A 30 13.12 26.92 0.13
CA LEU A 30 11.82 26.41 0.53
C LEU A 30 11.88 24.92 0.90
N LEU A 31 12.86 24.19 0.39
CA LEU A 31 13.06 22.80 0.76
C LEU A 31 14.21 22.61 1.74
N ALA A 32 15.04 23.63 1.92
CA ALA A 32 16.31 23.46 2.62
C ALA A 32 16.11 22.85 4.01
N ASN A 33 15.09 23.33 4.72
CA ASN A 33 14.81 22.79 6.05
C ASN A 33 14.23 21.38 5.98
N GLY A 34 13.43 21.10 4.94
CA GLY A 34 12.90 19.76 4.74
C GLY A 34 11.43 19.63 5.05
N ALA A 35 10.63 19.31 4.04
CA ALA A 35 9.20 19.13 4.22
C ALA A 35 8.62 18.24 3.12
N ASP A 36 7.53 18.69 2.51
CA ASP A 36 6.83 17.92 1.49
C ASP A 36 7.37 18.32 0.12
N VAL A 37 8.06 17.40 -0.55
CA VAL A 37 8.70 17.74 -1.81
C VAL A 37 7.66 18.00 -2.89
N ASN A 38 6.63 17.15 -2.96
CA ASN A 38 5.49 17.37 -3.84
C ASN A 38 4.26 17.61 -2.98
N THR A 39 3.67 18.79 -3.12
CA THR A 39 2.55 19.22 -2.30
C THR A 39 1.26 19.22 -3.13
N ALA A 40 0.17 19.63 -2.47
CA ALA A 40 -1.13 19.66 -3.11
C ALA A 40 -1.29 20.92 -3.96
N ASP A 41 -2.46 21.03 -4.60
CA ASP A 41 -2.77 22.16 -5.46
C ASP A 41 -4.26 22.13 -5.76
N GLU A 42 -4.80 23.30 -6.09
CA GLU A 42 -6.22 23.39 -6.45
C GLU A 42 -6.54 22.51 -7.66
N THR A 43 -5.62 22.44 -8.62
CA THR A 43 -5.77 21.56 -9.78
C THR A 43 -4.99 20.26 -9.61
N GLY A 44 -4.82 19.81 -8.38
CA GLY A 44 -4.09 18.57 -8.11
C GLY A 44 -2.64 18.53 -8.56
N PHE A 45 -2.08 19.67 -8.97
CA PHE A 45 -0.70 19.69 -9.45
C PHE A 45 0.29 19.56 -8.29
N THR A 46 1.55 19.39 -8.65
CA THR A 46 2.68 19.35 -7.73
C THR A 46 3.76 20.28 -8.27
N PRO A 47 4.73 20.68 -7.44
CA PRO A 47 5.79 21.58 -7.93
C PRO A 47 6.59 21.01 -9.09
N LEU A 48 6.54 19.69 -9.31
CA LEU A 48 7.24 19.12 -10.46
C LEU A 48 6.50 19.41 -11.76
N HIS A 49 5.17 19.46 -11.72
CA HIS A 49 4.39 19.71 -12.94
C HIS A 49 4.65 21.11 -13.47
N LEU A 50 4.40 22.13 -12.64
CA LEU A 50 4.53 23.51 -13.09
C LEU A 50 5.97 23.87 -13.43
N ALA A 51 6.94 23.17 -12.83
CA ALA A 51 8.34 23.43 -13.15
C ALA A 51 8.68 22.94 -14.55
N ALA A 52 8.07 21.84 -14.98
CA ALA A 52 8.26 21.35 -16.35
C ALA A 52 7.36 22.06 -17.36
N TRP A 53 6.27 22.69 -16.90
CA TRP A 53 5.42 23.44 -17.81
C TRP A 53 6.07 24.74 -18.23
N GLU A 54 6.60 25.50 -17.27
CA GLU A 54 7.26 26.75 -17.61
C GLU A 54 8.61 26.50 -18.28
N GLY A 55 9.26 25.39 -17.97
CA GLY A 55 10.53 25.05 -18.58
C GLY A 55 11.76 25.28 -17.74
N HIS A 56 11.62 25.38 -16.42
CA HIS A 56 12.76 25.62 -15.54
C HIS A 56 13.42 24.28 -15.23
N LEU A 57 14.50 23.97 -15.96
CA LEU A 57 15.20 22.71 -15.75
C LEU A 57 15.86 22.66 -14.38
N GLY A 58 16.31 23.81 -13.86
CA GLY A 58 16.89 23.86 -12.53
C GLY A 58 15.93 23.59 -11.40
N ILE A 59 14.65 23.39 -11.69
CA ILE A 59 13.67 23.08 -10.68
C ILE A 59 13.21 21.63 -10.74
N VAL A 60 13.12 21.03 -11.92
CA VAL A 60 12.67 19.66 -12.01
C VAL A 60 13.73 18.68 -11.52
N GLU A 61 15.02 19.08 -11.61
CA GLU A 61 16.09 18.19 -11.18
C GLU A 61 16.32 18.24 -9.68
N VAL A 62 16.21 19.43 -9.07
CA VAL A 62 16.35 19.54 -7.63
C VAL A 62 15.15 18.95 -6.91
N LEU A 63 14.01 18.83 -7.60
CA LEU A 63 12.79 18.35 -6.95
C LEU A 63 12.75 16.84 -6.79
N LEU A 64 13.60 16.09 -7.49
CA LEU A 64 13.58 14.63 -7.40
C LEU A 64 14.83 14.04 -6.75
N LYS A 65 15.91 14.81 -6.61
CA LYS A 65 17.10 14.32 -5.94
C LYS A 65 16.93 14.21 -4.43
N ASN A 66 15.84 14.75 -3.88
CA ASN A 66 15.55 14.62 -2.46
C ASN A 66 14.51 13.54 -2.17
N GLY A 67 13.83 13.04 -3.18
CA GLY A 67 12.88 11.95 -3.00
C GLY A 67 11.43 12.38 -3.11
N ALA A 68 10.97 12.58 -4.34
CA ALA A 68 9.59 13.01 -4.61
C ALA A 68 8.89 11.90 -5.41
N ASP A 69 8.26 12.22 -6.54
CA ASP A 69 7.55 11.23 -7.34
C ASP A 69 7.45 11.76 -8.76
N VAL A 70 7.92 10.96 -9.72
CA VAL A 70 7.96 11.40 -11.11
C VAL A 70 6.62 11.24 -11.82
N ASN A 71 5.73 10.39 -11.31
CA ASN A 71 4.47 10.12 -11.99
C ASN A 71 3.27 10.60 -11.17
N ALA A 72 3.29 11.88 -10.77
CA ALA A 72 2.19 12.45 -10.03
C ALA A 72 1.04 12.82 -10.96
N ASN A 73 -0.18 12.63 -10.47
CA ASN A 73 -1.39 12.90 -11.24
C ASN A 73 -2.16 14.07 -10.65
N ASP A 74 -2.86 14.79 -11.52
CA ASP A 74 -3.72 15.88 -11.10
C ASP A 74 -5.17 15.41 -11.09
N GLU A 75 -6.11 16.35 -11.23
CA GLU A 75 -7.52 15.98 -11.28
C GLU A 75 -7.90 15.35 -12.62
N ARG A 76 -7.12 15.58 -13.67
CA ARG A 76 -7.37 15.00 -14.98
C ARG A 76 -6.42 13.85 -15.32
N GLY A 77 -5.43 13.58 -14.47
CA GLY A 77 -4.47 12.53 -14.71
C GLY A 77 -3.19 12.97 -15.37
N HIS A 78 -2.98 14.27 -15.55
CA HIS A 78 -1.79 14.74 -16.24
C HIS A 78 -0.54 14.45 -15.41
N THR A 79 0.52 14.04 -16.09
CA THR A 79 1.80 13.70 -15.49
C THR A 79 2.85 14.73 -15.88
N PRO A 80 3.97 14.79 -15.15
CA PRO A 80 5.06 15.68 -15.57
C PRO A 80 5.57 15.40 -16.97
N LEU A 81 5.53 14.14 -17.41
CA LEU A 81 5.90 13.83 -18.79
C LEU A 81 4.88 14.40 -19.76
N HIS A 82 3.60 14.37 -19.41
CA HIS A 82 2.59 14.96 -20.28
C HIS A 82 2.79 16.46 -20.42
N LEU A 83 3.22 17.13 -19.35
CA LEU A 83 3.48 18.56 -19.41
C LEU A 83 4.81 18.87 -20.07
N ALA A 84 5.78 17.96 -19.99
CA ALA A 84 7.07 18.17 -20.64
C ALA A 84 7.00 17.95 -22.14
N ALA A 85 5.94 17.31 -22.64
CA ALA A 85 5.75 17.08 -24.07
C ALA A 85 4.86 18.12 -24.73
N TYR A 86 3.93 18.72 -23.98
CA TYR A 86 3.11 19.79 -24.53
C TYR A 86 3.96 21.03 -24.81
N THR A 87 4.98 21.28 -23.99
CA THR A 87 5.82 22.45 -24.19
C THR A 87 6.86 22.21 -25.27
N GLY A 88 7.45 21.02 -25.31
CA GLY A 88 8.49 20.69 -26.26
C GLY A 88 9.90 20.72 -25.71
N HIS A 89 10.07 20.79 -24.40
CA HIS A 89 11.39 20.85 -23.78
C HIS A 89 12.01 19.46 -23.72
N LEU A 90 13.10 19.27 -24.45
CA LEU A 90 13.72 17.96 -24.54
C LEU A 90 14.57 17.64 -23.32
N GLU A 91 15.51 18.53 -22.99
CA GLU A 91 16.49 18.25 -21.93
C GLU A 91 15.84 18.27 -20.56
N ILE A 92 14.52 18.44 -20.54
CA ILE A 92 13.70 18.26 -19.35
C ILE A 92 12.89 16.97 -19.41
N VAL A 93 12.79 16.32 -20.58
CA VAL A 93 12.06 15.07 -20.69
C VAL A 93 12.87 13.89 -20.17
N GLU A 94 14.11 13.76 -20.65
CA GLU A 94 14.91 12.56 -20.33
C GLU A 94 15.24 12.46 -18.85
N VAL A 95 15.26 13.58 -18.12
CA VAL A 95 15.50 13.50 -16.68
C VAL A 95 14.33 12.82 -15.99
N LEU A 96 13.13 12.91 -16.56
CA LEU A 96 12.00 12.14 -16.06
C LEU A 96 12.07 10.69 -16.51
N LEU A 97 12.42 10.46 -17.78
CA LEU A 97 12.55 9.11 -18.30
C LEU A 97 13.67 8.35 -17.62
N LYS A 98 14.70 9.06 -17.14
CA LYS A 98 15.84 8.41 -16.50
C LYS A 98 15.43 7.77 -15.18
N ASN A 99 14.55 8.42 -14.42
CA ASN A 99 14.18 7.93 -13.11
C ASN A 99 12.75 7.41 -13.07
N GLY A 100 12.43 6.45 -13.95
CA GLY A 100 11.16 5.77 -13.93
C GLY A 100 9.95 6.65 -14.06
N ALA A 101 9.59 7.00 -15.30
CA ALA A 101 8.41 7.79 -15.57
C ALA A 101 7.56 7.08 -16.61
N GLY A 102 6.24 7.16 -16.45
CA GLY A 102 5.31 6.49 -17.34
C GLY A 102 5.40 6.99 -18.77
N VAL A 103 6.12 6.26 -19.62
CA VAL A 103 6.22 6.66 -21.02
C VAL A 103 4.88 6.54 -21.72
N ASN A 104 4.06 5.58 -21.30
CA ASN A 104 2.70 5.40 -21.83
C ASN A 104 1.65 5.74 -20.78
N ALA A 105 1.90 6.79 -20.00
CA ALA A 105 0.95 7.19 -18.97
C ALA A 105 -0.32 7.75 -19.60
N THR A 106 -1.47 7.31 -19.09
CA THR A 106 -2.76 7.70 -19.62
C THR A 106 -3.47 8.65 -18.66
N ASP A 107 -4.15 9.64 -19.22
CA ASP A 107 -4.95 10.58 -18.46
C ASP A 107 -6.43 10.25 -18.62
N VAL A 108 -7.29 11.14 -18.14
CA VAL A 108 -8.72 10.97 -18.38
C VAL A 108 -9.06 11.29 -19.83
N ILE A 109 -8.20 12.04 -20.52
CA ILE A 109 -8.43 12.33 -21.94
C ILE A 109 -8.09 11.11 -22.80
N GLY A 110 -7.13 10.29 -22.37
CA GLY A 110 -6.68 9.15 -23.13
C GLY A 110 -5.42 9.39 -23.95
N THR A 111 -5.06 10.65 -24.18
CA THR A 111 -3.87 10.96 -24.94
C THR A 111 -2.61 10.58 -24.15
N ALA A 112 -1.50 10.48 -24.87
CA ALA A 112 -0.20 10.12 -24.32
C ALA A 112 0.78 11.28 -24.53
N PRO A 113 1.97 11.26 -23.92
CA PRO A 113 2.95 12.30 -24.24
C PRO A 113 3.30 12.37 -25.72
N LEU A 114 3.41 11.23 -26.39
CA LEU A 114 3.66 11.25 -27.83
C LEU A 114 2.41 11.55 -28.64
N HIS A 115 1.22 11.38 -28.05
CA HIS A 115 0.01 11.90 -28.67
C HIS A 115 0.06 13.42 -28.75
N LEU A 116 0.50 14.06 -27.67
CA LEU A 116 0.58 15.52 -27.62
C LEU A 116 1.90 16.05 -28.14
N ALA A 117 2.95 15.23 -28.21
CA ALA A 117 4.19 15.67 -28.83
C ALA A 117 4.01 15.89 -30.33
N ALA A 118 3.15 15.10 -30.98
CA ALA A 118 2.82 15.29 -32.37
C ALA A 118 1.67 16.26 -32.59
N MET A 119 0.93 16.60 -31.53
CA MET A 119 -0.13 17.60 -31.66
C MET A 119 0.46 18.97 -32.02
N TRP A 120 1.57 19.33 -31.40
CA TRP A 120 2.31 20.53 -31.77
C TRP A 120 3.47 20.25 -32.71
N GLY A 121 3.76 18.99 -33.00
CA GLY A 121 4.84 18.64 -33.91
C GLY A 121 6.22 19.00 -33.39
N HIS A 122 6.63 18.34 -32.32
CA HIS A 122 7.91 18.60 -31.68
C HIS A 122 8.95 17.60 -32.17
N LEU A 123 10.19 18.06 -32.29
CA LEU A 123 11.24 17.31 -32.96
C LEU A 123 11.89 16.26 -32.07
N GLU A 124 12.94 16.66 -31.34
CA GLU A 124 13.83 15.71 -30.68
C GLU A 124 13.21 15.05 -29.45
N ILE A 125 12.07 15.56 -28.95
CA ILE A 125 11.45 14.94 -27.78
C ILE A 125 10.78 13.62 -28.14
N VAL A 126 10.43 13.42 -29.41
CA VAL A 126 9.86 12.14 -29.84
C VAL A 126 10.95 11.07 -29.92
N GLU A 127 12.19 11.49 -30.18
CA GLU A 127 13.29 10.54 -30.32
C GLU A 127 13.55 9.80 -29.01
N VAL A 128 13.43 10.51 -27.88
CA VAL A 128 13.79 9.89 -26.60
C VAL A 128 12.63 9.08 -26.02
N LEU A 129 11.39 9.48 -26.29
CA LEU A 129 10.26 8.68 -25.79
C LEU A 129 10.12 7.37 -26.57
N LEU A 130 10.41 7.38 -27.87
CA LEU A 130 10.35 6.15 -28.65
C LEU A 130 11.48 5.20 -28.26
N LYS A 131 12.65 5.73 -27.91
CA LYS A 131 13.74 4.88 -27.43
C LYS A 131 13.36 4.21 -26.12
N ASN A 132 12.57 4.88 -25.28
CA ASN A 132 12.13 4.34 -24.00
C ASN A 132 10.85 3.52 -24.12
N GLY A 133 10.41 3.22 -25.34
CA GLY A 133 9.23 2.40 -25.53
C GLY A 133 7.91 3.15 -25.38
N ALA A 134 7.68 4.16 -26.22
CA ALA A 134 6.42 4.88 -26.23
C ALA A 134 5.51 4.27 -27.28
N ASP A 135 4.32 3.86 -26.87
CA ASP A 135 3.37 3.23 -27.78
C ASP A 135 2.88 4.24 -28.81
N PRO A 136 3.17 4.05 -30.10
CA PRO A 136 2.62 4.95 -31.11
C PRO A 136 1.30 4.44 -31.67
N LYS A 137 1.00 3.17 -31.44
CA LYS A 137 -0.19 2.52 -31.98
C LYS A 137 -1.42 2.73 -31.09
N ALA A 138 -1.24 2.94 -29.80
CA ALA A 138 -2.37 3.16 -28.89
C ALA A 138 -2.93 4.56 -29.09
N GLN A 139 -4.18 4.65 -29.52
CA GLN A 139 -4.85 5.92 -29.71
C GLN A 139 -5.53 6.36 -28.41
N ASP A 140 -6.04 7.58 -28.42
CA ASP A 140 -6.73 8.15 -27.27
C ASP A 140 -8.20 7.74 -27.30
N LYS A 141 -9.05 8.48 -26.60
CA LYS A 141 -10.49 8.25 -26.65
C LYS A 141 -11.18 9.02 -27.77
N PHE A 142 -10.52 10.04 -28.32
CA PHE A 142 -11.04 10.68 -29.53
C PHE A 142 -10.97 9.72 -30.72
N GLY A 143 -9.90 8.93 -30.80
CA GLY A 143 -9.69 8.01 -31.90
C GLY A 143 -8.59 8.39 -32.86
N LYS A 144 -7.75 9.37 -32.52
CA LYS A 144 -6.72 9.88 -33.42
C LYS A 144 -5.36 9.51 -32.85
N THR A 145 -4.63 8.67 -33.58
CA THR A 145 -3.31 8.21 -33.14
C THR A 145 -2.31 9.36 -33.17
N PRO A 146 -1.14 9.20 -32.54
CA PRO A 146 -0.12 10.26 -32.64
C PRO A 146 0.32 10.54 -34.07
N LYS A 147 0.41 9.49 -34.90
CA LYS A 147 0.70 9.68 -36.31
C LYS A 147 -0.40 10.48 -36.99
N ASP A 148 -1.62 10.41 -36.48
CA ASP A 148 -2.73 11.15 -37.08
C ASP A 148 -2.80 12.59 -36.56
N LEU A 149 -2.45 12.81 -35.30
CA LEU A 149 -2.47 14.17 -34.76
C LEU A 149 -1.39 15.05 -35.39
N ALA A 150 -0.29 14.44 -35.84
CA ALA A 150 0.71 15.20 -36.58
C ALA A 150 0.22 15.57 -37.97
N LYS A 151 -0.68 14.76 -38.54
CA LYS A 151 -1.28 15.09 -39.84
C LYS A 151 -2.17 16.31 -39.73
N ASP A 152 -3.09 16.32 -38.76
CA ASP A 152 -4.02 17.43 -38.58
C ASP A 152 -3.32 18.71 -38.17
N ASN A 153 -2.17 18.61 -37.50
CA ASN A 153 -1.40 19.80 -37.14
C ASN A 153 -0.80 20.49 -38.36
N GLY A 154 -0.57 19.75 -39.44
CA GLY A 154 0.04 20.33 -40.63
C GLY A 154 1.54 20.22 -40.69
N HIS A 155 2.14 19.30 -39.93
CA HIS A 155 3.59 19.16 -39.87
C HIS A 155 3.93 17.69 -39.86
N GLU A 156 4.56 17.21 -40.94
CA GLU A 156 4.95 15.81 -41.09
C GLU A 156 6.45 15.64 -40.96
N ASP A 157 7.06 16.33 -39.99
CA ASP A 157 8.51 16.25 -39.81
C ASP A 157 8.91 14.98 -39.07
N VAL A 158 8.44 14.84 -37.82
CA VAL A 158 8.74 13.66 -37.02
C VAL A 158 7.64 12.61 -37.10
N ALA A 159 6.54 12.91 -37.80
CA ALA A 159 5.53 11.89 -38.04
C ALA A 159 6.11 10.74 -38.85
N LYS A 160 7.10 11.02 -39.71
CA LYS A 160 7.76 9.95 -40.45
C LYS A 160 8.53 9.03 -39.50
N LEU A 161 9.14 9.61 -38.46
CA LEU A 161 9.80 8.80 -37.44
C LEU A 161 8.80 8.05 -36.57
N ILE A 162 7.56 8.55 -36.48
CA ILE A 162 6.54 7.86 -35.69
C ILE A 162 6.08 6.59 -36.42
N ASP A 163 5.85 6.68 -37.73
CA ASP A 163 5.36 5.54 -38.49
C ASP A 163 6.44 4.51 -38.77
N LYS A 164 7.72 4.91 -38.79
CA LYS A 164 8.79 3.95 -38.94
C LYS A 164 8.92 3.06 -37.70
N LYS A 165 8.95 3.69 -36.52
CA LYS A 165 8.98 2.93 -35.28
C LYS A 165 7.75 2.03 -35.14
N ALA A 166 6.58 2.54 -35.57
CA ALA A 166 5.39 1.70 -35.61
C ALA A 166 5.54 0.58 -36.64
N GLN A 167 6.15 0.89 -37.78
CA GLN A 167 6.41 -0.15 -38.78
C GLN A 167 7.43 -1.15 -38.28
N GLU A 168 8.53 -0.67 -37.68
CA GLU A 168 9.52 -1.57 -37.10
C GLU A 168 8.93 -2.38 -35.96
N GLU A 169 7.97 -1.80 -35.23
CA GLU A 169 7.29 -2.55 -34.18
C GLU A 169 6.44 -3.67 -34.76
N GLU A 170 5.81 -3.41 -35.92
CA GLU A 170 5.03 -4.45 -36.59
C GLU A 170 5.93 -5.55 -37.13
N GLU A 171 7.13 -5.20 -37.60
CA GLU A 171 8.05 -6.20 -38.14
C GLU A 171 8.60 -7.09 -37.02
N GLU A 172 8.97 -6.49 -35.89
CA GLU A 172 9.60 -7.27 -34.82
C GLU A 172 8.59 -8.19 -34.14
N GLU A 173 7.32 -7.77 -34.02
CA GLU A 173 6.34 -8.64 -33.42
C GLU A 173 6.01 -9.83 -34.30
N GLU A 174 6.17 -9.69 -35.62
CA GLU A 174 5.97 -10.81 -36.53
C GLU A 174 7.21 -11.68 -36.67
N LYS A 175 8.39 -11.14 -36.39
CA LYS A 175 9.58 -11.99 -36.28
C LYS A 175 9.54 -12.84 -35.03
N LYS A 176 8.98 -12.31 -33.94
CA LYS A 176 8.82 -13.09 -32.72
C LYS A 176 7.83 -14.23 -32.94
N LYS A 177 6.69 -13.95 -33.56
CA LYS A 177 5.71 -15.00 -33.82
C LYS A 177 6.26 -16.05 -34.77
N LYS A 178 7.11 -15.64 -35.72
CA LYS A 178 7.74 -16.61 -36.62
C LYS A 178 8.69 -17.53 -35.88
N ILE A 179 9.48 -16.97 -34.97
CA ILE A 179 10.43 -17.77 -34.21
C ILE A 179 9.70 -18.69 -33.22
N LEU A 180 8.72 -18.13 -32.50
CA LEU A 180 8.01 -18.92 -31.50
C LEU A 180 7.27 -20.10 -32.14
N LYS A 181 6.66 -19.88 -33.31
CA LYS A 181 5.97 -20.98 -33.98
C LYS A 181 6.94 -22.08 -34.41
N ASP A 182 8.14 -21.69 -34.83
CA ASP A 182 9.13 -22.68 -35.25
C ASP A 182 9.70 -23.43 -34.05
N LEU A 183 9.83 -22.76 -32.90
CA LEU A 183 10.26 -23.45 -31.69
C LEU A 183 9.21 -24.44 -31.22
N VAL A 184 7.93 -24.09 -31.37
CA VAL A 184 6.86 -25.02 -31.03
C VAL A 184 6.89 -26.22 -31.98
N LYS A 185 7.17 -25.97 -33.26
CA LYS A 185 7.30 -27.07 -34.22
C LYS A 185 8.41 -28.02 -33.82
N LYS A 186 9.55 -27.47 -33.37
CA LYS A 186 10.67 -28.29 -32.95
C LYS A 186 10.37 -29.11 -31.69
N LEU A 187 9.30 -28.79 -30.97
CA LEU A 187 8.89 -29.63 -29.85
C LEU A 187 8.38 -30.99 -30.30
N SER A 188 8.14 -31.16 -31.60
CA SER A 188 7.72 -32.44 -32.17
C SER A 188 8.86 -33.14 -32.91
N SER A 189 10.08 -32.63 -32.79
CA SER A 189 11.19 -33.19 -33.55
C SER A 189 11.60 -34.55 -33.00
N PRO A 190 11.96 -35.50 -33.86
CA PRO A 190 12.57 -36.75 -33.36
C PRO A 190 13.97 -36.55 -32.82
N ASN A 191 14.63 -35.45 -33.17
CA ASN A 191 15.95 -35.13 -32.66
C ASN A 191 15.79 -34.52 -31.27
N GLU A 192 16.28 -35.24 -30.25
CA GLU A 192 16.10 -34.77 -28.89
C GLU A 192 16.93 -33.52 -28.59
N ASN A 193 18.09 -33.38 -29.23
CA ASN A 193 18.88 -32.16 -29.05
C ASN A 193 18.13 -30.94 -29.56
N GLU A 194 17.55 -31.05 -30.76
CA GLU A 194 16.77 -29.95 -31.31
C GLU A 194 15.54 -29.68 -30.46
N LEU A 195 14.96 -30.74 -29.88
CA LEU A 195 13.77 -30.56 -29.04
C LEU A 195 14.11 -29.80 -27.77
N GLN A 196 15.16 -30.23 -27.06
CA GLN A 196 15.49 -29.62 -25.78
C GLN A 196 15.99 -28.19 -25.97
N ASN A 197 16.71 -27.92 -27.05
CA ASN A 197 17.13 -26.55 -27.34
C ASN A 197 15.92 -25.65 -27.51
N ALA A 198 14.92 -26.11 -28.26
CA ALA A 198 13.68 -25.34 -28.37
C ALA A 198 12.91 -25.36 -27.05
N LEU A 199 12.91 -26.52 -26.37
CA LEU A 199 12.18 -26.64 -25.11
C LEU A 199 12.71 -25.66 -24.06
N TRP A 200 14.02 -25.57 -23.93
CA TRP A 200 14.60 -24.66 -22.94
C TRP A 200 14.39 -23.21 -23.35
N THR A 201 14.44 -22.93 -24.65
CA THR A 201 14.26 -21.55 -25.11
C THR A 201 12.86 -21.05 -24.76
N LEU A 202 11.84 -21.86 -25.02
CA LEU A 202 10.47 -21.45 -24.74
C LEU A 202 10.26 -21.24 -23.24
N GLY A 203 10.73 -22.19 -22.42
CA GLY A 203 10.58 -22.05 -20.98
C GLY A 203 11.32 -20.83 -20.45
N ASN A 204 12.49 -20.53 -21.02
CA ASN A 204 13.22 -19.34 -20.62
C ASN A 204 12.46 -18.07 -21.01
N ILE A 205 11.85 -18.06 -22.20
CA ILE A 205 11.01 -16.93 -22.57
C ILE A 205 9.81 -16.83 -21.64
N ALA A 206 9.24 -17.97 -21.25
CA ALA A 206 8.10 -17.98 -20.34
C ALA A 206 8.47 -17.56 -18.92
N SER A 207 9.77 -17.48 -18.60
CA SER A 207 10.19 -17.00 -17.29
C SER A 207 10.10 -15.48 -17.17
N GLY A 208 9.99 -14.77 -18.28
CA GLY A 208 9.90 -13.32 -18.25
C GLY A 208 8.56 -12.81 -17.78
N GLY A 209 8.17 -11.63 -18.24
CA GLY A 209 6.93 -11.02 -17.82
C GLY A 209 5.69 -11.79 -18.23
N ASN A 210 4.52 -11.28 -17.83
CA ASN A 210 3.27 -11.94 -18.19
C ASN A 210 2.97 -11.83 -19.68
N GLU A 211 3.50 -10.81 -20.35
CA GLU A 211 3.24 -10.66 -21.77
C GLU A 211 4.06 -11.64 -22.60
N GLN A 212 5.30 -11.92 -22.16
CA GLN A 212 6.09 -12.95 -22.84
C GLN A 212 5.48 -14.33 -22.68
N ILE A 213 4.83 -14.58 -21.54
CA ILE A 213 4.11 -15.83 -21.34
C ILE A 213 2.99 -15.97 -22.36
N GLN A 214 2.26 -14.87 -22.60
CA GLN A 214 1.16 -14.92 -23.56
C GLN A 214 1.66 -15.21 -24.97
N ALA A 215 2.84 -14.69 -25.31
CA ALA A 215 3.39 -14.95 -26.65
C ALA A 215 3.70 -16.43 -26.83
N VAL A 216 4.16 -17.09 -25.77
CA VAL A 216 4.40 -18.54 -25.84
C VAL A 216 3.06 -19.28 -25.94
N ILE A 217 2.05 -18.80 -25.23
CA ILE A 217 0.73 -19.42 -25.31
C ILE A 217 0.13 -19.20 -26.70
N ASP A 218 0.22 -17.97 -27.21
CA ASP A 218 -0.35 -17.66 -28.52
C ASP A 218 0.32 -18.43 -29.65
N ALA A 219 1.55 -18.88 -29.45
CA ALA A 219 2.26 -19.68 -30.45
C ALA A 219 1.80 -21.14 -30.46
N GLY A 220 0.92 -21.54 -29.55
CA GLY A 220 0.46 -22.91 -29.51
C GLY A 220 1.41 -23.87 -28.84
N ALA A 221 2.14 -23.42 -27.82
CA ALA A 221 3.13 -24.27 -27.17
C ALA A 221 2.50 -25.21 -26.15
N LEU A 222 1.35 -24.84 -25.58
CA LEU A 222 0.78 -25.63 -24.49
C LEU A 222 0.46 -27.07 -24.89
N PRO A 223 -0.23 -27.35 -26.01
CA PRO A 223 -0.50 -28.76 -26.33
C PRO A 223 0.76 -29.59 -26.50
N ALA A 224 1.81 -29.01 -27.08
CA ALA A 224 3.07 -29.74 -27.21
C ALA A 224 3.70 -29.98 -25.84
N LEU A 225 3.63 -29.00 -24.95
CA LEU A 225 4.21 -29.17 -23.62
C LEU A 225 3.46 -30.22 -22.81
N VAL A 226 2.14 -30.30 -22.97
CA VAL A 226 1.36 -31.30 -22.25
C VAL A 226 1.70 -32.70 -22.77
N GLN A 227 1.87 -32.84 -24.08
CA GLN A 227 2.25 -34.13 -24.64
C GLN A 227 3.64 -34.57 -24.18
N LEU A 228 4.56 -33.61 -24.02
CA LEU A 228 5.89 -33.91 -23.51
C LEU A 228 5.88 -34.38 -22.06
N LEU A 229 4.76 -34.21 -21.35
CA LEU A 229 4.70 -34.67 -19.96
C LEU A 229 4.65 -36.19 -19.87
N SER A 230 4.36 -36.87 -20.97
CA SER A 230 4.41 -38.32 -21.04
C SER A 230 5.65 -38.83 -21.78
N SER A 231 6.65 -37.97 -21.94
CA SER A 231 7.86 -38.36 -22.65
C SER A 231 8.64 -39.39 -21.83
N PRO A 232 9.20 -40.42 -22.47
CA PRO A 232 10.07 -41.35 -21.75
C PRO A 232 11.38 -40.72 -21.32
N ASN A 233 11.77 -39.59 -21.92
CA ASN A 233 12.99 -38.90 -21.53
C ASN A 233 12.68 -38.01 -20.33
N GLU A 234 13.19 -38.41 -19.15
CA GLU A 234 12.91 -37.66 -17.94
C GLU A 234 13.55 -36.27 -17.97
N GLN A 235 14.65 -36.11 -18.70
CA GLN A 235 15.24 -34.79 -18.86
C GLN A 235 14.32 -33.88 -19.67
N ILE A 236 13.73 -34.41 -20.75
CA ILE A 236 12.74 -33.66 -21.50
C ILE A 236 11.50 -33.41 -20.64
N LEU A 237 11.09 -34.42 -19.88
CA LEU A 237 9.91 -34.29 -19.04
C LEU A 237 10.11 -33.21 -17.97
N GLN A 238 11.31 -33.16 -17.38
CA GLN A 238 11.58 -32.16 -16.35
C GLN A 238 11.54 -30.75 -16.91
N GLU A 239 12.14 -30.55 -18.10
CA GLU A 239 12.14 -29.22 -18.69
C GLU A 239 10.76 -28.82 -19.18
N ALA A 240 9.94 -29.79 -19.60
CA ALA A 240 8.55 -29.47 -19.95
C ALA A 240 7.77 -29.06 -18.71
N LEU A 241 8.00 -29.73 -17.58
CA LEU A 241 7.39 -29.30 -16.33
C LEU A 241 7.84 -27.89 -15.94
N TRP A 242 9.14 -27.61 -16.14
CA TRP A 242 9.65 -26.28 -15.83
C TRP A 242 8.99 -25.21 -16.68
N ALA A 243 8.73 -25.51 -17.96
CA ALA A 243 8.12 -24.53 -18.84
C ALA A 243 6.66 -24.28 -18.46
N LEU A 244 5.90 -25.35 -18.25
CA LEU A 244 4.50 -25.18 -17.84
C LEU A 244 4.40 -24.47 -16.50
N SER A 245 5.33 -24.75 -15.59
CA SER A 245 5.33 -24.07 -14.30
C SER A 245 5.59 -22.57 -14.47
N ASN A 246 6.46 -22.20 -15.40
CA ASN A 246 6.71 -20.79 -15.68
C ASN A 246 5.47 -20.12 -16.27
N ILE A 247 4.77 -20.82 -17.16
CA ILE A 247 3.54 -20.28 -17.73
C ILE A 247 2.49 -20.10 -16.63
N ALA A 248 2.40 -21.06 -15.72
CA ALA A 248 1.41 -21.01 -14.64
C ALA A 248 1.73 -19.98 -13.58
N SER A 249 2.91 -19.35 -13.64
CA SER A 249 3.26 -18.28 -12.71
C SER A 249 2.70 -16.93 -13.12
N GLY A 250 2.08 -16.84 -14.31
CA GLY A 250 1.51 -15.59 -14.79
C GLY A 250 0.13 -15.32 -14.21
N GLY A 251 -0.66 -14.56 -14.96
CA GLY A 251 -1.98 -14.18 -14.53
C GLY A 251 -2.96 -15.35 -14.57
N ASN A 252 -4.18 -15.07 -14.10
CA ASN A 252 -5.20 -16.11 -14.05
C ASN A 252 -5.60 -16.59 -15.44
N GLU A 253 -5.49 -15.71 -16.45
CA GLU A 253 -5.81 -16.14 -17.81
C GLU A 253 -4.81 -17.17 -18.32
N GLN A 254 -3.52 -16.95 -18.04
CA GLN A 254 -2.51 -17.91 -18.46
C GLN A 254 -2.62 -19.22 -17.68
N ILE A 255 -3.00 -19.13 -16.40
CA ILE A 255 -3.26 -20.34 -15.63
C ILE A 255 -4.39 -21.14 -16.26
N GLN A 256 -5.46 -20.45 -16.69
CA GLN A 256 -6.60 -21.13 -17.28
C GLN A 256 -6.23 -21.78 -18.60
N ALA A 257 -5.33 -21.16 -19.37
CA ALA A 257 -4.88 -21.77 -20.62
C ALA A 257 -4.14 -23.07 -20.36
N VAL A 258 -3.32 -23.12 -19.31
CA VAL A 258 -2.66 -24.36 -18.92
C VAL A 258 -3.69 -25.41 -18.54
N ILE A 259 -4.74 -25.01 -17.82
CA ILE A 259 -5.81 -25.93 -17.46
C ILE A 259 -6.53 -26.43 -18.70
N ASP A 260 -6.96 -25.49 -19.55
CA ASP A 260 -7.70 -25.86 -20.75
C ASP A 260 -6.87 -26.70 -21.72
N ALA A 261 -5.54 -26.66 -21.62
CA ALA A 261 -4.70 -27.52 -22.44
C ALA A 261 -4.64 -28.95 -21.91
N GLY A 262 -5.29 -29.24 -20.77
CA GLY A 262 -5.33 -30.59 -20.27
C GLY A 262 -4.12 -31.02 -19.48
N ALA A 263 -3.47 -30.08 -18.79
CA ALA A 263 -2.22 -30.38 -18.09
C ALA A 263 -2.45 -31.02 -16.73
N LEU A 264 -3.59 -30.74 -16.09
CA LEU A 264 -3.81 -31.19 -14.72
C LEU A 264 -3.79 -32.71 -14.57
N PRO A 265 -4.46 -33.51 -15.42
CA PRO A 265 -4.38 -34.97 -15.24
C PRO A 265 -2.97 -35.51 -15.32
N ALA A 266 -2.11 -34.91 -16.14
CA ALA A 266 -0.72 -35.36 -16.21
C ALA A 266 0.05 -34.94 -14.97
N LEU A 267 -0.23 -33.75 -14.45
CA LEU A 267 0.46 -33.27 -13.25
C LEU A 267 0.12 -34.10 -12.03
N VAL A 268 -1.16 -34.49 -11.89
CA VAL A 268 -1.55 -35.32 -10.77
C VAL A 268 -0.86 -36.68 -10.85
N GLN A 269 -0.80 -37.26 -12.06
CA GLN A 269 -0.13 -38.55 -12.23
C GLN A 269 1.35 -38.43 -11.90
N LEU A 270 1.98 -37.30 -12.25
CA LEU A 270 3.38 -37.09 -11.95
C LEU A 270 3.67 -36.93 -10.46
N LEU A 271 2.63 -36.76 -9.64
CA LEU A 271 2.84 -36.71 -8.19
C LEU A 271 3.25 -38.07 -7.63
N SER A 272 3.06 -39.14 -8.38
CA SER A 272 3.50 -40.47 -8.00
C SER A 272 4.87 -40.83 -8.57
N SER A 273 5.56 -39.86 -9.16
CA SER A 273 6.86 -40.13 -9.76
C SER A 273 7.89 -40.45 -8.67
N PRO A 274 8.71 -41.48 -8.86
CA PRO A 274 9.82 -41.71 -7.92
C PRO A 274 10.95 -40.71 -8.08
N ASN A 275 11.09 -40.10 -9.25
CA ASN A 275 12.12 -39.09 -9.47
C ASN A 275 11.75 -37.82 -8.69
N GLU A 276 12.54 -37.49 -7.68
CA GLU A 276 12.19 -36.38 -6.80
C GLU A 276 12.38 -35.01 -7.45
N GLN A 277 13.16 -34.93 -8.53
CA GLN A 277 13.25 -33.67 -9.26
C GLN A 277 12.00 -33.44 -10.11
N ILE A 278 11.50 -34.50 -10.75
CA ILE A 278 10.25 -34.39 -11.50
C ILE A 278 9.09 -34.15 -10.53
N LEU A 279 9.09 -34.84 -9.39
CA LEU A 279 8.04 -34.64 -8.40
C LEU A 279 8.03 -33.22 -7.87
N GLN A 280 9.22 -32.62 -7.72
CA GLN A 280 9.31 -31.26 -7.24
C GLN A 280 8.82 -30.27 -8.30
N GLU A 281 9.05 -30.56 -9.58
CA GLU A 281 8.58 -29.68 -10.64
C GLU A 281 7.08 -29.77 -10.81
N ALA A 282 6.52 -30.98 -10.72
CA ALA A 282 5.07 -31.12 -10.79
C ALA A 282 4.39 -30.41 -9.63
N LEU A 283 4.98 -30.48 -8.43
CA LEU A 283 4.45 -29.71 -7.31
C LEU A 283 4.59 -28.21 -7.56
N TRP A 284 5.68 -27.81 -8.20
CA TRP A 284 5.85 -26.41 -8.59
C TRP A 284 4.71 -25.97 -9.50
N ALA A 285 4.42 -26.75 -10.54
CA ALA A 285 3.40 -26.37 -11.50
C ALA A 285 2.02 -26.32 -10.86
N LEU A 286 1.70 -27.33 -10.04
CA LEU A 286 0.39 -27.36 -9.39
C LEU A 286 0.22 -26.21 -8.41
N SER A 287 1.30 -25.82 -7.73
CA SER A 287 1.21 -24.72 -6.77
C SER A 287 0.92 -23.40 -7.47
N ASN A 288 1.51 -23.19 -8.65
CA ASN A 288 1.25 -21.95 -9.37
C ASN A 288 -0.17 -21.91 -9.91
N ILE A 289 -0.69 -23.06 -10.35
CA ILE A 289 -2.07 -23.10 -10.82
C ILE A 289 -3.04 -22.85 -9.67
N ALA A 290 -2.72 -23.36 -8.48
CA ALA A 290 -3.53 -23.15 -7.29
C ALA A 290 -3.37 -21.76 -6.70
N SER A 291 -2.47 -20.95 -7.22
CA SER A 291 -2.47 -19.53 -6.89
C SER A 291 -3.52 -18.75 -7.67
N GLY A 292 -4.37 -19.40 -8.45
CA GLY A 292 -5.35 -18.72 -9.25
C GLY A 292 -6.60 -18.42 -8.47
N GLY A 293 -7.68 -18.18 -9.20
CA GLY A 293 -8.97 -17.94 -8.61
C GLY A 293 -9.56 -19.24 -8.08
N ASN A 294 -10.76 -19.11 -7.51
CA ASN A 294 -11.39 -20.27 -6.88
C ASN A 294 -11.70 -21.37 -7.89
N GLU A 295 -12.15 -21.00 -9.09
CA GLU A 295 -12.49 -22.00 -10.10
C GLU A 295 -11.26 -22.70 -10.65
N GLN A 296 -10.11 -22.00 -10.67
CA GLN A 296 -8.87 -22.63 -11.10
C GLN A 296 -8.31 -23.53 -10.00
N ILE A 297 -8.48 -23.13 -8.74
CA ILE A 297 -8.13 -24.01 -7.63
C ILE A 297 -9.00 -25.26 -7.65
N GLN A 298 -10.27 -25.09 -8.01
CA GLN A 298 -11.19 -26.23 -8.03
C GLN A 298 -10.84 -27.20 -9.16
N ALA A 299 -10.30 -26.70 -10.27
CA ALA A 299 -9.88 -27.60 -11.33
C ALA A 299 -8.74 -28.50 -10.86
N VAL A 300 -7.86 -27.97 -10.02
CA VAL A 300 -6.81 -28.79 -9.41
C VAL A 300 -7.42 -29.84 -8.49
N ILE A 301 -8.45 -29.45 -7.73
CA ILE A 301 -9.12 -30.40 -6.83
C ILE A 301 -9.84 -31.46 -7.65
N ASP A 302 -10.58 -31.05 -8.67
CA ASP A 302 -11.35 -31.98 -9.48
C ASP A 302 -10.47 -32.94 -10.26
N ALA A 303 -9.17 -32.65 -10.39
CA ALA A 303 -8.23 -33.55 -11.03
C ALA A 303 -7.70 -34.61 -10.07
N GLY A 304 -8.08 -34.57 -8.80
CA GLY A 304 -7.67 -35.58 -7.85
C GLY A 304 -6.32 -35.35 -7.23
N ALA A 305 -5.90 -34.09 -7.09
CA ALA A 305 -4.58 -33.79 -6.54
C ALA A 305 -4.54 -33.87 -5.01
N LEU A 306 -5.68 -33.76 -4.34
CA LEU A 306 -5.67 -33.73 -2.88
C LEU A 306 -5.18 -35.03 -2.24
N PRO A 307 -5.69 -36.21 -2.61
CA PRO A 307 -5.18 -37.43 -1.94
C PRO A 307 -3.69 -37.64 -2.09
N ALA A 308 -3.13 -37.27 -3.25
CA ALA A 308 -1.70 -37.37 -3.44
C ALA A 308 -0.94 -36.38 -2.57
N LEU A 309 -1.46 -35.15 -2.48
CA LEU A 309 -0.82 -34.13 -1.65
C LEU A 309 -0.84 -34.51 -0.17
N VAL A 310 -1.99 -34.97 0.32
CA VAL A 310 -2.07 -35.39 1.71
C VAL A 310 -1.14 -36.58 1.97
N GLN A 311 -1.03 -37.49 1.00
CA GLN A 311 -0.10 -38.60 1.14
C GLN A 311 1.34 -38.13 1.10
N LEU A 312 1.62 -37.05 0.37
CA LEU A 312 2.97 -36.48 0.33
C LEU A 312 3.34 -35.79 1.64
N LEU A 313 2.37 -35.53 2.52
CA LEU A 313 2.70 -34.94 3.81
C LEU A 313 3.42 -35.92 4.73
N SER A 314 3.42 -37.20 4.41
CA SER A 314 4.18 -38.20 5.14
C SER A 314 5.48 -38.57 4.44
N SER A 315 5.94 -37.74 3.51
CA SER A 315 7.13 -38.04 2.76
C SER A 315 8.37 -37.94 3.65
N PRO A 316 9.31 -38.87 3.51
CA PRO A 316 10.58 -38.71 4.25
C PRO A 316 11.38 -37.51 3.79
N ASN A 317 11.33 -37.19 2.49
CA ASN A 317 12.04 -36.04 1.95
C ASN A 317 11.44 -34.75 2.51
N GLU A 318 12.21 -34.05 3.35
CA GLU A 318 11.69 -32.83 3.96
C GLU A 318 11.51 -31.71 2.94
N GLN A 319 12.29 -31.71 1.86
CA GLN A 319 12.11 -30.70 0.82
C GLN A 319 10.82 -30.91 0.05
N ILE A 320 10.53 -32.16 -0.32
CA ILE A 320 9.26 -32.47 -0.98
C ILE A 320 8.09 -32.14 -0.06
N LEU A 321 8.26 -32.37 1.24
CA LEU A 321 7.21 -32.06 2.20
C LEU A 321 6.89 -30.56 2.20
N GLN A 322 7.92 -29.72 2.07
CA GLN A 322 7.68 -28.28 1.99
C GLN A 322 6.91 -27.91 0.73
N GLU A 323 7.14 -28.63 -0.37
CA GLU A 323 6.44 -28.31 -1.61
C GLU A 323 4.98 -28.72 -1.53
N ALA A 324 4.70 -29.90 -0.96
CA ALA A 324 3.32 -30.34 -0.79
C ALA A 324 2.56 -29.41 0.14
N LEU A 325 3.24 -28.91 1.19
CA LEU A 325 2.62 -27.91 2.05
C LEU A 325 2.36 -26.62 1.28
N TRP A 326 3.30 -26.21 0.44
CA TRP A 326 3.12 -25.02 -0.39
C TRP A 326 1.90 -25.18 -1.30
N ALA A 327 1.75 -26.36 -1.91
CA ALA A 327 0.62 -26.61 -2.80
C ALA A 327 -0.70 -26.60 -2.03
N LEU A 328 -0.73 -27.25 -0.87
CA LEU A 328 -1.95 -27.28 -0.07
C LEU A 328 -2.31 -25.89 0.45
N SER A 329 -1.30 -25.08 0.78
CA SER A 329 -1.56 -23.74 1.29
C SER A 329 -2.25 -22.88 0.24
N ASN A 330 -1.86 -23.04 -1.03
CA ASN A 330 -2.49 -22.26 -2.09
C ASN A 330 -3.92 -22.73 -2.37
N ILE A 331 -4.16 -24.04 -2.29
CA ILE A 331 -5.51 -24.56 -2.47
C ILE A 331 -6.43 -24.03 -1.39
N ALA A 332 -5.97 -24.04 -0.15
CA ALA A 332 -6.75 -23.53 0.97
C ALA A 332 -6.90 -22.02 0.96
N SER A 333 -6.24 -21.32 0.03
CA SER A 333 -6.44 -19.89 -0.10
C SER A 333 -7.71 -19.54 -0.87
N GLY A 334 -8.42 -20.54 -1.40
CA GLY A 334 -9.65 -20.31 -2.12
C GLY A 334 -10.82 -20.12 -1.18
N GLY A 335 -12.02 -20.29 -1.72
CA GLY A 335 -13.23 -20.14 -0.97
C GLY A 335 -13.47 -21.33 -0.04
N ASN A 336 -14.66 -21.32 0.59
CA ASN A 336 -14.99 -22.37 1.55
C ASN A 336 -15.15 -23.73 0.87
N GLU A 337 -15.64 -23.76 -0.37
CA GLU A 337 -15.74 -25.03 -1.08
C GLU A 337 -14.38 -25.66 -1.29
N GLN A 338 -13.37 -24.84 -1.63
CA GLN A 338 -12.03 -25.36 -1.81
C GLN A 338 -11.40 -25.74 -0.47
N ILE A 339 -11.61 -24.90 0.56
CA ILE A 339 -11.07 -25.20 1.88
C ILE A 339 -11.68 -26.48 2.42
N GLN A 340 -12.98 -26.67 2.24
CA GLN A 340 -13.64 -27.87 2.73
C GLN A 340 -13.12 -29.12 2.04
N ALA A 341 -12.68 -28.99 0.78
CA ALA A 341 -12.10 -30.14 0.09
C ALA A 341 -10.78 -30.56 0.72
N VAL A 342 -9.98 -29.60 1.17
CA VAL A 342 -8.74 -29.92 1.86
C VAL A 342 -9.04 -30.59 3.20
N ILE A 343 -10.08 -30.12 3.89
CA ILE A 343 -10.48 -30.74 5.15
C ILE A 343 -10.96 -32.17 4.92
N ASP A 344 -11.80 -32.36 3.90
CA ASP A 344 -12.32 -33.69 3.60
C ASP A 344 -11.24 -34.65 3.13
N ALA A 345 -10.12 -34.14 2.62
CA ALA A 345 -9.03 -35.00 2.20
C ALA A 345 -8.21 -35.54 3.36
N GLY A 346 -8.44 -35.03 4.58
CA GLY A 346 -7.71 -35.49 5.74
C GLY A 346 -6.41 -34.77 6.01
N ALA A 347 -6.30 -33.51 5.60
CA ALA A 347 -5.04 -32.80 5.77
C ALA A 347 -4.83 -32.30 7.19
N LEU A 348 -5.92 -31.99 7.91
CA LEU A 348 -5.79 -31.40 9.24
C LEU A 348 -5.02 -32.29 10.22
N PRO A 349 -5.25 -33.61 10.32
CA PRO A 349 -4.40 -34.41 11.22
C PRO A 349 -2.93 -34.34 10.88
N ALA A 350 -2.58 -34.42 9.60
CA ALA A 350 -1.17 -34.33 9.22
C ALA A 350 -0.62 -32.93 9.46
N LEU A 351 -1.44 -31.90 9.23
CA LEU A 351 -0.97 -30.52 9.43
C LEU A 351 -0.68 -30.24 10.90
N VAL A 352 -1.54 -30.71 11.81
CA VAL A 352 -1.31 -30.51 13.23
C VAL A 352 -0.08 -31.28 13.68
N GLN A 353 0.07 -32.52 13.20
CA GLN A 353 1.26 -33.32 13.52
C GLN A 353 2.53 -32.62 13.06
N LEU A 354 2.48 -31.90 11.92
CA LEU A 354 3.66 -31.22 11.43
C LEU A 354 4.04 -30.01 12.26
N LEU A 355 3.15 -29.51 13.11
CA LEU A 355 3.49 -28.41 14.00
C LEU A 355 4.48 -28.82 15.09
N SER A 356 4.74 -30.12 15.25
CA SER A 356 5.73 -30.60 16.18
C SER A 356 7.05 -30.93 15.50
N SER A 357 7.19 -30.59 14.22
CA SER A 357 8.41 -30.91 13.50
C SER A 357 9.55 -30.01 13.97
N PRO A 358 10.75 -30.56 14.16
CA PRO A 358 11.90 -29.72 14.50
C PRO A 358 12.39 -28.87 13.36
N ASN A 359 11.92 -29.14 12.13
CA ASN A 359 12.30 -28.34 10.97
C ASN A 359 11.50 -27.04 10.98
N GLU A 360 12.20 -25.91 11.09
CA GLU A 360 11.51 -24.62 11.15
C GLU A 360 10.89 -24.25 9.81
N GLN A 361 11.49 -24.66 8.70
CA GLN A 361 10.92 -24.37 7.39
C GLN A 361 9.63 -25.15 7.17
N ILE A 362 9.60 -26.42 7.57
CA ILE A 362 8.36 -27.19 7.52
C ILE A 362 7.33 -26.59 8.47
N LEU A 363 7.79 -26.03 9.60
CA LEU A 363 6.87 -25.44 10.55
C LEU A 363 6.15 -24.23 9.95
N GLN A 364 6.90 -23.36 9.26
CA GLN A 364 6.27 -22.21 8.62
C GLN A 364 5.28 -22.63 7.55
N GLU A 365 5.66 -23.61 6.72
CA GLU A 365 4.78 -24.07 5.65
C GLU A 365 3.53 -24.73 6.20
N ALA A 366 3.63 -25.40 7.34
CA ALA A 366 2.44 -26.00 7.96
C ALA A 366 1.55 -24.92 8.57
N LEU A 367 2.16 -23.88 9.14
CA LEU A 367 1.37 -22.79 9.70
C LEU A 367 0.61 -22.04 8.61
N TRP A 368 1.22 -21.91 7.42
CA TRP A 368 0.56 -21.25 6.30
C TRP A 368 -0.71 -22.00 5.90
N ALA A 369 -0.62 -23.33 5.78
CA ALA A 369 -1.78 -24.12 5.39
C ALA A 369 -2.91 -23.99 6.40
N LEU A 370 -2.58 -24.08 7.69
CA LEU A 370 -3.61 -23.94 8.72
C LEU A 370 -4.19 -22.53 8.73
N SER A 371 -3.36 -21.52 8.47
CA SER A 371 -3.84 -20.15 8.45
C SER A 371 -4.89 -19.93 7.36
N ASN A 372 -4.67 -20.53 6.19
CA ASN A 372 -5.62 -20.37 5.10
C ASN A 372 -6.89 -21.20 5.34
N ILE A 373 -6.74 -22.41 5.88
CA ILE A 373 -7.91 -23.21 6.22
C ILE A 373 -8.74 -22.49 7.29
N ALA A 374 -8.07 -21.85 8.25
CA ALA A 374 -8.76 -21.08 9.29
C ALA A 374 -9.32 -19.77 8.78
N SER A 375 -9.05 -19.40 7.52
CA SER A 375 -9.63 -18.20 6.94
C SER A 375 -11.04 -18.43 6.40
N GLY A 376 -11.55 -19.66 6.48
CA GLY A 376 -12.86 -19.98 5.98
C GLY A 376 -13.96 -19.69 7.00
N GLY A 377 -15.11 -20.32 6.77
CA GLY A 377 -16.25 -20.14 7.64
C GLY A 377 -16.06 -20.76 9.00
N ASN A 378 -17.10 -20.65 9.83
CA ASN A 378 -17.01 -21.08 11.21
C ASN A 378 -16.83 -22.59 11.33
N GLU A 379 -17.51 -23.36 10.46
CA GLU A 379 -17.37 -24.81 10.53
C GLU A 379 -16.01 -25.27 10.01
N GLN A 380 -15.40 -24.51 9.11
CA GLN A 380 -14.03 -24.80 8.72
C GLN A 380 -13.05 -24.45 9.84
N ILE A 381 -13.27 -23.32 10.51
CA ILE A 381 -12.45 -22.96 11.66
C ILE A 381 -12.59 -24.02 12.74
N GLN A 382 -13.83 -24.46 13.00
CA GLN A 382 -14.06 -25.46 14.03
C GLN A 382 -13.35 -26.77 13.70
N ALA A 383 -13.23 -27.11 12.41
CA ALA A 383 -12.49 -28.30 12.02
C ALA A 383 -11.02 -28.19 12.39
N VAL A 384 -10.45 -26.99 12.33
CA VAL A 384 -9.09 -26.78 12.78
C VAL A 384 -9.00 -26.94 14.29
N ILE A 385 -10.00 -26.41 15.01
CA ILE A 385 -10.03 -26.54 16.47
C ILE A 385 -10.19 -28.00 16.86
N ASP A 386 -11.06 -28.74 16.15
CA ASP A 386 -11.30 -30.13 16.48
C ASP A 386 -10.06 -30.99 16.23
N ALA A 387 -9.20 -30.60 15.31
CA ALA A 387 -7.99 -31.35 15.02
C ALA A 387 -6.89 -31.12 16.05
N GLY A 388 -7.08 -30.21 17.00
CA GLY A 388 -6.11 -30.01 18.05
C GLY A 388 -4.98 -29.06 17.71
N ALA A 389 -5.26 -28.03 16.90
CA ALA A 389 -4.20 -27.12 16.50
C ALA A 389 -3.91 -26.07 17.57
N LEU A 390 -4.92 -25.69 18.36
CA LEU A 390 -4.76 -24.59 19.32
C LEU A 390 -3.63 -24.81 20.33
N PRO A 391 -3.51 -25.98 20.99
CA PRO A 391 -2.39 -26.14 21.92
C PRO A 391 -1.02 -25.98 21.27
N ALA A 392 -0.83 -26.56 20.07
CA ALA A 392 0.43 -26.39 19.37
C ALA A 392 0.63 -24.94 18.96
N LEU A 393 -0.43 -24.26 18.55
CA LEU A 393 -0.32 -22.87 18.11
C LEU A 393 0.09 -21.97 19.27
N VAL A 394 -0.48 -22.19 20.47
CA VAL A 394 -0.13 -21.38 21.63
C VAL A 394 1.32 -21.62 22.01
N GLN A 395 1.78 -22.87 21.94
CA GLN A 395 3.18 -23.17 22.25
C GLN A 395 4.13 -22.49 21.28
N LEU A 396 3.73 -22.36 20.02
CA LEU A 396 4.56 -21.70 19.03
C LEU A 396 4.66 -20.19 19.27
N LEU A 397 3.83 -19.63 20.14
CA LEU A 397 3.96 -18.22 20.48
C LEU A 397 5.20 -17.93 21.31
N SER A 398 5.81 -18.96 21.89
CA SER A 398 7.05 -18.84 22.63
C SER A 398 8.27 -19.28 21.81
N SER A 399 8.15 -19.25 20.48
CA SER A 399 9.25 -19.65 19.61
C SER A 399 10.23 -18.49 19.45
N PRO A 400 11.54 -18.75 19.50
CA PRO A 400 12.52 -17.68 19.26
C PRO A 400 12.52 -17.20 17.82
N ASN A 401 12.10 -18.02 16.87
CA ASN A 401 12.01 -17.59 15.48
C ASN A 401 10.83 -16.63 15.32
N GLU A 402 11.11 -15.39 14.97
CA GLU A 402 10.07 -14.38 14.86
C GLU A 402 9.17 -14.60 13.64
N GLN A 403 9.62 -15.37 12.65
CA GLN A 403 8.77 -15.69 11.51
C GLN A 403 7.77 -16.79 11.87
N ILE A 404 8.22 -17.82 12.58
CA ILE A 404 7.29 -18.83 13.08
C ILE A 404 6.29 -18.21 14.04
N LEU A 405 6.75 -17.25 14.86
CA LEU A 405 5.85 -16.55 15.76
C LEU A 405 4.84 -15.71 15.00
N GLN A 406 5.27 -15.10 13.89
CA GLN A 406 4.36 -14.27 13.11
C GLN A 406 3.31 -15.12 12.37
N GLU A 407 3.68 -16.31 11.91
CA GLU A 407 2.71 -17.17 11.24
C GLU A 407 1.75 -17.81 12.24
N ALA A 408 2.23 -18.10 13.45
CA ALA A 408 1.32 -18.63 14.47
C ALA A 408 0.29 -17.59 14.89
N LEU A 409 0.72 -16.33 15.02
CA LEU A 409 -0.22 -15.26 15.35
C LEU A 409 -1.26 -15.09 14.25
N TRP A 410 -0.84 -15.25 13.00
CA TRP A 410 -1.78 -15.15 11.89
C TRP A 410 -2.84 -16.25 11.94
N ALA A 411 -2.40 -17.48 12.22
CA ALA A 411 -3.35 -18.59 12.33
C ALA A 411 -4.33 -18.38 13.47
N LEU A 412 -3.83 -17.89 14.61
CA LEU A 412 -4.71 -17.62 15.74
C LEU A 412 -5.68 -16.48 15.44
N SER A 413 -5.25 -15.50 14.65
CA SER A 413 -6.13 -14.41 14.27
C SER A 413 -7.28 -14.92 13.40
N ASN A 414 -6.97 -15.82 12.45
CA ASN A 414 -8.00 -16.37 11.58
C ASN A 414 -9.00 -17.21 12.36
N ILE A 415 -8.52 -18.00 13.33
CA ILE A 415 -9.44 -18.76 14.18
C ILE A 415 -10.31 -17.82 15.00
N ALA A 416 -9.71 -16.77 15.54
CA ALA A 416 -10.44 -15.81 16.37
C ALA A 416 -11.38 -14.92 15.57
N SER A 417 -11.47 -15.11 14.25
CA SER A 417 -12.38 -14.34 13.42
C SER A 417 -13.75 -15.01 13.29
N GLY A 418 -13.94 -16.17 13.91
CA GLY A 418 -15.20 -16.88 13.85
C GLY A 418 -16.18 -16.37 14.90
N GLY A 419 -17.13 -17.24 15.24
CA GLY A 419 -18.12 -16.93 16.24
C GLY A 419 -17.54 -16.96 17.64
N ASN A 420 -18.41 -16.69 18.61
CA ASN A 420 -17.98 -16.68 20.01
C ASN A 420 -17.49 -18.04 20.47
N GLU A 421 -18.01 -19.12 19.88
CA GLU A 421 -17.58 -20.45 20.27
C GLU A 421 -16.14 -20.72 19.83
N GLN A 422 -15.77 -20.22 18.64
CA GLN A 422 -14.38 -20.36 18.19
C GLN A 422 -13.47 -19.41 18.96
N ILE A 423 -13.93 -18.19 19.23
CA ILE A 423 -13.15 -17.24 20.02
C ILE A 423 -12.90 -17.80 21.42
N GLN A 424 -13.94 -18.37 22.03
CA GLN A 424 -13.78 -18.95 23.36
C GLN A 424 -12.79 -20.10 23.35
N ALA A 425 -12.72 -20.86 22.26
CA ALA A 425 -11.75 -21.95 22.17
C ALA A 425 -10.33 -21.42 22.21
N VAL A 426 -10.07 -20.26 21.56
CA VAL A 426 -8.76 -19.66 21.61
C VAL A 426 -8.42 -19.23 23.04
N ILE A 427 -9.39 -18.66 23.75
CA ILE A 427 -9.18 -18.25 25.13
C ILE A 427 -8.90 -19.47 26.01
N ASP A 428 -9.67 -20.54 25.82
CA ASP A 428 -9.49 -21.74 26.64
C ASP A 428 -8.13 -22.38 26.43
N ALA A 429 -7.47 -22.11 25.31
CA ALA A 429 -6.14 -22.64 25.04
C ALA A 429 -5.03 -21.79 25.65
N GLY A 430 -5.37 -20.76 26.40
CA GLY A 430 -4.38 -19.96 27.09
C GLY A 430 -3.58 -19.04 26.20
N ALA A 431 -4.21 -18.45 25.19
CA ALA A 431 -3.53 -17.59 24.24
C ALA A 431 -3.42 -16.15 24.69
N LEU A 432 -4.36 -15.67 25.49
CA LEU A 432 -4.38 -14.25 25.85
C LEU A 432 -3.11 -13.79 26.58
N PRO A 433 -2.57 -14.51 27.57
CA PRO A 433 -1.33 -14.04 28.21
C PRO A 433 -0.19 -13.83 27.23
N ALA A 434 0.04 -14.77 26.32
CA ALA A 434 1.09 -14.60 25.32
C ALA A 434 0.77 -13.45 24.38
N LEU A 435 -0.51 -13.27 24.05
CA LEU A 435 -0.91 -12.18 23.17
C LEU A 435 -0.68 -10.83 23.85
N VAL A 436 -1.07 -10.71 25.11
CA VAL A 436 -0.88 -9.44 25.83
C VAL A 436 0.60 -9.16 26.01
N GLN A 437 1.40 -10.19 26.26
CA GLN A 437 2.84 -9.99 26.42
C GLN A 437 3.48 -9.53 25.12
N LEU A 438 3.00 -10.05 23.99
CA LEU A 438 3.54 -9.65 22.69
C LEU A 438 3.18 -8.21 22.31
N LEU A 439 2.33 -7.54 23.11
CA LEU A 439 2.07 -6.13 22.90
C LEU A 439 3.23 -5.25 23.35
N SER A 440 4.25 -5.83 23.97
CA SER A 440 5.48 -5.12 24.31
C SER A 440 6.65 -5.54 23.44
N SER A 441 6.39 -6.25 22.33
CA SER A 441 7.46 -6.73 21.48
C SER A 441 8.13 -5.57 20.75
N PRO A 442 9.46 -5.58 20.63
CA PRO A 442 10.12 -4.55 19.81
C PRO A 442 9.85 -4.72 18.33
N ASN A 443 9.58 -5.94 17.89
CA ASN A 443 9.20 -6.18 16.50
C ASN A 443 7.82 -5.59 16.25
N GLU A 444 7.76 -4.58 15.37
CA GLU A 444 6.50 -3.88 15.14
C GLU A 444 5.52 -4.73 14.33
N GLN A 445 6.03 -5.65 13.51
CA GLN A 445 5.14 -6.55 12.78
C GLN A 445 4.50 -7.57 13.70
N ILE A 446 5.27 -8.07 14.68
CA ILE A 446 4.68 -8.93 15.72
C ILE A 446 3.70 -8.15 16.56
N LEU A 447 3.95 -6.85 16.74
CA LEU A 447 3.04 -6.01 17.51
C LEU A 447 1.67 -5.94 16.85
N GLN A 448 1.64 -5.73 15.53
CA GLN A 448 0.36 -5.63 14.84
C GLN A 448 -0.35 -6.98 14.78
N GLU A 449 0.41 -8.06 14.57
CA GLU A 449 -0.19 -9.38 14.49
C GLU A 449 -0.86 -9.78 15.80
N ALA A 450 -0.18 -9.54 16.93
CA ALA A 450 -0.80 -9.77 18.22
C ALA A 450 -1.96 -8.81 18.46
N LEU A 451 -1.86 -7.58 17.92
CA LEU A 451 -2.94 -6.62 18.09
C LEU A 451 -4.16 -7.00 17.24
N TRP A 452 -3.92 -7.56 16.06
CA TRP A 452 -5.02 -8.04 15.23
C TRP A 452 -5.76 -9.19 15.90
N ALA A 453 -5.01 -10.10 16.53
CA ALA A 453 -5.65 -11.25 17.17
C ALA A 453 -6.50 -10.82 18.36
N LEU A 454 -6.00 -9.88 19.16
CA LEU A 454 -6.75 -9.43 20.32
C LEU A 454 -8.04 -8.71 19.92
N SER A 455 -8.00 -7.93 18.83
CA SER A 455 -9.19 -7.20 18.43
C SER A 455 -10.30 -8.14 17.96
N ASN A 456 -9.93 -9.22 17.28
CA ASN A 456 -10.93 -10.22 16.89
C ASN A 456 -11.53 -10.90 18.10
N ILE A 457 -10.70 -11.24 19.10
CA ILE A 457 -11.21 -11.81 20.34
C ILE A 457 -12.10 -10.80 21.06
N ALA A 458 -11.69 -9.52 21.07
CA ALA A 458 -12.45 -8.50 21.78
C ALA A 458 -13.80 -8.21 21.12
N SER A 459 -13.99 -8.63 19.88
CA SER A 459 -15.27 -8.44 19.19
C SER A 459 -16.24 -9.59 19.42
N GLY A 460 -16.08 -10.34 20.51
CA GLY A 460 -16.97 -11.42 20.87
C GLY A 460 -17.96 -11.01 21.94
N GLY A 461 -18.51 -12.02 22.61
CA GLY A 461 -19.47 -11.78 23.68
C GLY A 461 -18.80 -11.16 24.90
N ASN A 462 -19.64 -10.82 25.88
CA ASN A 462 -19.13 -10.19 27.10
C ASN A 462 -18.18 -11.10 27.85
N GLU A 463 -18.38 -12.42 27.76
CA GLU A 463 -17.44 -13.34 28.40
C GLU A 463 -16.07 -13.27 27.74
N GLN A 464 -16.03 -13.22 26.41
CA GLN A 464 -14.76 -13.10 25.71
C GLN A 464 -14.12 -11.73 25.93
N ILE A 465 -14.93 -10.68 26.05
CA ILE A 465 -14.40 -9.37 26.38
C ILE A 465 -13.82 -9.37 27.79
N GLN A 466 -14.49 -10.03 28.72
CA GLN A 466 -14.03 -10.05 30.11
C GLN A 466 -12.71 -10.79 30.23
N ALA A 467 -12.53 -11.88 29.48
CA ALA A 467 -11.26 -12.60 29.54
C ALA A 467 -10.12 -11.75 28.99
N VAL A 468 -10.40 -10.88 28.02
CA VAL A 468 -9.37 -9.97 27.53
C VAL A 468 -8.98 -8.97 28.61
N ILE A 469 -9.97 -8.48 29.38
CA ILE A 469 -9.67 -7.56 30.47
C ILE A 469 -8.89 -8.27 31.57
N ASP A 470 -9.30 -9.50 31.91
CA ASP A 470 -8.62 -10.23 32.98
C ASP A 470 -7.19 -10.60 32.61
N ALA A 471 -6.85 -10.62 31.34
CA ALA A 471 -5.48 -10.90 30.93
C ALA A 471 -4.57 -9.68 30.98
N GLY A 472 -5.05 -8.58 31.57
CA GLY A 472 -4.24 -7.38 31.68
C GLY A 472 -4.02 -6.65 30.38
N ALA A 473 -4.96 -6.77 29.43
CA ALA A 473 -4.74 -6.16 28.13
C ALA A 473 -4.96 -4.65 28.16
N LEU A 474 -5.85 -4.16 29.02
CA LEU A 474 -6.18 -2.73 29.04
C LEU A 474 -4.97 -1.84 29.24
N PRO A 475 -4.09 -2.06 30.23
CA PRO A 475 -2.93 -1.16 30.36
C PRO A 475 -2.01 -1.18 29.15
N ALA A 476 -1.79 -2.36 28.57
CA ALA A 476 -0.93 -2.45 27.38
C ALA A 476 -1.63 -1.85 26.16
N LEU A 477 -2.95 -2.02 26.05
CA LEU A 477 -3.68 -1.44 24.93
C LEU A 477 -3.72 0.09 25.04
N VAL A 478 -3.94 0.61 26.24
CA VAL A 478 -3.90 2.05 26.45
C VAL A 478 -2.51 2.59 26.13
N GLN A 479 -1.47 1.88 26.56
CA GLN A 479 -0.11 2.31 26.28
C GLN A 479 0.19 2.31 24.79
N LEU A 480 -0.48 1.46 24.01
CA LEU A 480 -0.25 1.43 22.57
C LEU A 480 -0.90 2.60 21.86
N LEU A 481 -1.81 3.32 22.52
CA LEU A 481 -2.45 4.48 21.90
C LEU A 481 -1.48 5.63 21.68
N SER A 482 -0.31 5.59 22.32
CA SER A 482 0.72 6.61 22.14
C SER A 482 1.85 6.13 21.22
N SER A 483 1.62 5.06 20.47
CA SER A 483 2.66 4.55 19.58
C SER A 483 2.85 5.49 18.40
N PRO A 484 4.09 5.64 17.91
CA PRO A 484 4.28 6.49 16.71
C PRO A 484 3.58 5.94 15.49
N ASN A 485 3.41 4.63 15.40
CA ASN A 485 2.68 4.02 14.29
C ASN A 485 1.19 4.30 14.46
N GLU A 486 0.58 4.95 13.46
CA GLU A 486 -0.84 5.27 13.55
C GLU A 486 -1.71 4.05 13.30
N GLN A 487 -1.25 3.10 12.49
CA GLN A 487 -1.99 1.86 12.30
C GLN A 487 -2.10 1.08 13.60
N ILE A 488 -1.07 1.16 14.45
CA ILE A 488 -1.15 0.55 15.77
C ILE A 488 -2.11 1.32 16.66
N GLN A 489 -2.08 2.66 16.58
CA GLN A 489 -3.04 3.47 17.33
C GLN A 489 -4.47 3.12 16.95
N ASP A 490 -4.73 2.91 15.66
CA ASP A 490 -6.09 2.66 15.20
C ASP A 490 -6.57 1.29 15.64
N GLU A 491 -5.72 0.26 15.50
CA GLU A 491 -6.16 -1.08 15.87
C GLU A 491 -6.26 -1.24 17.38
N ALA A 492 -5.42 -0.54 18.14
CA ALA A 492 -5.60 -0.51 19.58
C ALA A 492 -6.84 0.28 19.98
N GLU A 493 -7.20 1.29 19.18
CA GLU A 493 -8.45 2.02 19.41
C GLU A 493 -9.64 1.12 19.12
N LYS A 494 -9.59 0.39 18.01
CA LYS A 494 -10.67 -0.55 17.67
C LYS A 494 -10.85 -1.60 18.74
N THR A 495 -9.73 -2.11 19.29
CA THR A 495 -9.81 -3.11 20.34
C THR A 495 -10.48 -2.54 21.59
N LEU A 496 -10.08 -1.32 21.99
CA LEU A 496 -10.68 -0.69 23.15
C LEU A 496 -12.14 -0.32 22.91
N LEU A 497 -12.51 -0.06 21.65
CA LEU A 497 -13.91 0.21 21.34
C LEU A 497 -14.75 -1.06 21.41
N ASN A 498 -14.22 -2.18 20.91
CA ASN A 498 -14.93 -3.45 21.04
C ASN A 498 -15.12 -3.82 22.49
N ILE A 499 -14.11 -3.58 23.33
CA ILE A 499 -14.24 -3.85 24.75
C ILE A 499 -15.27 -2.92 25.39
N ALA A 500 -15.30 -1.66 24.95
CA ALA A 500 -16.26 -0.71 25.49
C ALA A 500 -17.69 -1.03 25.06
N ASN A 501 -17.87 -1.82 23.99
CA ASN A 501 -19.20 -2.21 23.52
C ASN A 501 -19.78 -3.37 24.32
N GLY A 502 -19.15 -3.76 25.43
CA GLY A 502 -19.68 -4.81 26.27
C GLY A 502 -20.60 -4.26 27.35
N SER A 503 -20.53 -4.83 28.54
CA SER A 503 -21.36 -4.34 29.64
C SER A 503 -20.86 -2.98 30.12
N GLU A 504 -21.69 -2.33 30.94
CA GLU A 504 -21.32 -1.02 31.48
C GLU A 504 -20.09 -1.12 32.37
N GLU A 505 -19.90 -2.25 33.04
CA GLU A 505 -18.69 -2.42 33.85
C GLU A 505 -17.45 -2.52 32.97
N GLN A 506 -17.54 -3.26 31.86
CA GLN A 506 -16.41 -3.36 30.94
C GLN A 506 -16.11 -2.01 30.30
N GLN A 507 -17.17 -1.25 29.96
CA GLN A 507 -16.97 0.08 29.41
C GLN A 507 -16.32 1.01 30.44
N LYS A 508 -16.67 0.83 31.72
CA LYS A 508 -16.06 1.63 32.78
C LYS A 508 -14.60 1.27 32.98
N ALA A 509 -14.24 0.00 32.77
CA ALA A 509 -12.85 -0.43 32.95
C ALA A 509 -11.94 0.18 31.89
N VAL A 510 -12.46 0.42 30.69
CA VAL A 510 -11.67 1.08 29.66
C VAL A 510 -11.36 2.52 30.07
N TYR A 511 -12.30 3.17 30.76
CA TYR A 511 -12.13 4.58 31.14
C TYR A 511 -11.35 4.72 32.44
N ASP A 512 -11.48 3.76 33.36
CA ASP A 512 -10.63 3.76 34.55
C ASP A 512 -9.18 3.47 34.20
N ALA A 513 -8.91 2.88 33.04
CA ALA A 513 -7.56 2.68 32.57
C ALA A 513 -6.94 3.94 31.99
N GLY A 514 -7.71 5.02 31.89
CA GLY A 514 -7.16 6.28 31.39
C GLY A 514 -7.10 6.39 29.88
N ALA A 515 -7.97 5.67 29.16
CA ALA A 515 -7.88 5.63 27.71
C ALA A 515 -8.47 6.88 27.06
N LEU A 516 -9.44 7.53 27.72
CA LEU A 516 -10.12 8.66 27.10
C LEU A 516 -9.17 9.82 26.82
N LYS A 517 -8.13 9.97 27.63
CA LYS A 517 -7.14 11.02 27.39
C LYS A 517 -6.47 10.83 26.05
N TYR A 518 -6.03 9.60 25.75
CA TYR A 518 -5.29 9.33 24.52
C TYR A 518 -6.22 9.09 23.34
N LEU A 519 -7.43 8.59 23.57
CA LEU A 519 -8.39 8.44 22.49
C LEU A 519 -8.82 9.80 21.94
N LEU A 520 -9.02 10.78 22.82
CA LEU A 520 -9.37 12.12 22.37
C LEU A 520 -8.25 12.73 21.54
N ILE A 521 -7.00 12.45 21.91
CA ILE A 521 -5.86 12.94 21.15
C ILE A 521 -5.84 12.34 19.75
N ILE A 522 -6.12 11.03 19.66
CA ILE A 522 -6.17 10.38 18.34
C ILE A 522 -7.30 10.97 17.51
N ALA A 523 -8.49 11.08 18.11
CA ALA A 523 -9.65 11.58 17.37
C ALA A 523 -9.46 13.04 16.97
N ALA A 524 -8.73 13.81 17.75
CA ALA A 524 -8.51 15.22 17.39
C ALA A 524 -7.60 15.35 16.18
N LYS A 525 -6.76 14.36 15.92
CA LYS A 525 -5.84 14.39 14.78
C LYS A 525 -6.46 13.81 13.52
N ARG A 526 -7.28 12.77 13.64
CA ARG A 526 -7.81 12.09 12.46
C ARG A 526 -8.76 12.98 11.68
N GLY A 527 -9.80 13.48 12.32
CA GLY A 527 -10.68 14.43 11.66
C GLY A 527 -12.17 14.24 11.90
N PHE A 528 -12.61 13.01 12.16
CA PHE A 528 -14.03 12.78 12.35
C PHE A 528 -14.48 13.31 13.70
N ALA A 529 -15.42 14.25 13.67
CA ALA A 529 -15.80 14.99 14.87
C ALA A 529 -16.75 14.22 15.78
N ASP A 530 -17.51 13.27 15.23
CA ASP A 530 -18.45 12.53 16.07
C ASP A 530 -17.74 11.67 17.10
N ARG A 531 -16.56 11.16 16.77
CA ARG A 531 -15.75 10.45 17.75
C ARG A 531 -15.21 11.40 18.81
N VAL A 532 -14.87 12.64 18.41
CA VAL A 532 -14.48 13.65 19.37
C VAL A 532 -15.62 13.95 20.33
N ARG A 533 -16.84 14.09 19.78
CA ARG A 533 -18.01 14.26 20.63
C ARG A 533 -18.19 13.05 21.55
N LEU A 534 -17.97 11.85 21.03
CA LEU A 534 -18.12 10.64 21.81
C LEU A 534 -17.19 10.66 23.03
N TYR A 535 -15.90 10.88 22.82
CA TYR A 535 -14.95 10.84 23.92
C TYR A 535 -15.19 11.98 24.91
N LEU A 536 -15.53 13.17 24.41
CA LEU A 536 -15.88 14.26 25.31
C LEU A 536 -17.11 13.93 26.13
N ARG A 537 -18.17 13.42 25.48
CA ARG A 537 -19.38 13.04 26.19
C ARG A 537 -19.10 11.99 27.26
N LEU A 538 -18.18 11.07 26.97
CA LEU A 538 -17.85 10.02 27.93
C LEU A 538 -16.88 10.48 29.01
N GLY A 539 -16.47 11.75 28.99
CA GLY A 539 -15.73 12.33 30.10
C GLY A 539 -14.28 12.71 29.82
N ALA A 540 -13.85 12.72 28.56
CA ALA A 540 -12.47 13.10 28.26
C ALA A 540 -12.24 14.57 28.56
N ASP A 541 -11.12 14.87 29.21
CA ASP A 541 -10.78 16.24 29.53
C ASP A 541 -10.31 16.96 28.27
N GLN A 542 -11.02 18.00 27.87
CA GLN A 542 -10.68 18.73 26.65
C GLN A 542 -9.42 19.58 26.81
N ASN A 543 -9.01 19.88 28.04
CA ASN A 543 -7.88 20.75 28.30
C ASN A 543 -6.61 19.99 28.68
N THR A 544 -6.62 18.66 28.60
CA THR A 544 -5.44 17.88 28.95
C THR A 544 -4.38 18.04 27.89
N ALA A 545 -3.17 18.43 28.31
CA ALA A 545 -2.05 18.67 27.40
C ALA A 545 -1.04 17.52 27.49
N ASP A 546 -0.20 17.45 26.47
CA ASP A 546 0.86 16.44 26.42
C ASP A 546 2.07 16.94 27.22
N GLU A 547 3.16 16.17 27.17
CA GLU A 547 4.41 16.63 27.75
C GLU A 547 4.94 17.87 27.04
N THR A 548 4.54 18.10 25.79
CA THR A 548 4.86 19.32 25.07
C THR A 548 3.91 20.46 25.40
N GLY A 549 2.83 20.18 26.13
CA GLY A 549 1.78 21.15 26.32
C GLY A 549 0.77 21.22 25.19
N PHE A 550 0.80 20.28 24.25
CA PHE A 550 -0.16 20.26 23.16
C PHE A 550 -1.50 19.76 23.65
N THR A 551 -2.54 20.56 23.42
CA THR A 551 -3.91 20.20 23.77
C THR A 551 -4.65 19.70 22.54
N PRO A 552 -5.79 19.02 22.71
CA PRO A 552 -6.60 18.65 21.54
C PRO A 552 -6.95 19.83 20.65
N LEU A 553 -7.17 21.02 21.23
CA LEU A 553 -7.43 22.20 20.43
C LEU A 553 -6.21 22.63 19.63
N HIS A 554 -5.00 22.30 20.09
CA HIS A 554 -3.81 22.54 19.27
C HIS A 554 -3.80 21.64 18.05
N LEU A 555 -4.17 20.36 18.21
CA LEU A 555 -4.05 19.39 17.13
C LEU A 555 -4.96 19.73 15.97
N ALA A 556 -6.27 19.87 16.24
CA ALA A 556 -7.23 20.12 15.18
C ALA A 556 -6.93 21.44 14.47
N ALA A 557 -6.45 22.44 15.21
CA ALA A 557 -6.05 23.69 14.57
C ALA A 557 -4.85 23.49 13.66
N TRP A 558 -3.92 22.63 14.08
CA TRP A 558 -2.76 22.33 13.24
C TRP A 558 -3.17 21.49 12.03
N GLU A 559 -4.05 20.50 12.24
CA GLU A 559 -4.48 19.63 11.15
C GLU A 559 -5.55 20.27 10.28
N GLY A 560 -6.28 21.25 10.78
CA GLY A 560 -7.30 21.92 9.99
C GLY A 560 -8.69 21.35 10.10
N HIS A 561 -9.06 20.79 11.24
CA HIS A 561 -10.38 20.19 11.44
C HIS A 561 -11.28 21.24 12.08
N LEU A 562 -12.01 21.98 11.25
CA LEU A 562 -12.87 23.05 11.75
C LEU A 562 -13.98 22.48 12.64
N GLY A 563 -14.58 21.37 12.24
CA GLY A 563 -15.64 20.79 13.05
C GLY A 563 -15.18 20.43 14.45
N ILE A 564 -13.99 19.85 14.56
CA ILE A 564 -13.45 19.49 15.87
C ILE A 564 -13.11 20.73 16.68
N VAL A 565 -12.57 21.76 16.02
CA VAL A 565 -12.25 23.02 16.70
C VAL A 565 -13.49 23.62 17.34
N GLU A 566 -14.61 23.62 16.60
CA GLU A 566 -15.84 24.19 17.15
C GLU A 566 -16.39 23.34 18.29
N VAL A 567 -16.34 22.01 18.16
CA VAL A 567 -16.84 21.15 19.22
C VAL A 567 -16.04 21.34 20.49
N LEU A 568 -14.71 21.43 20.37
CA LEU A 568 -13.87 21.59 21.55
C LEU A 568 -14.16 22.91 22.26
N LEU A 569 -14.29 23.99 21.49
CA LEU A 569 -14.57 25.28 22.10
C LEU A 569 -15.93 25.30 22.79
N LYS A 570 -16.89 24.55 22.26
CA LYS A 570 -18.21 24.48 22.90
C LYS A 570 -18.18 23.72 24.22
N ASN A 571 -17.14 22.92 24.45
CA ASN A 571 -17.02 22.14 25.68
C ASN A 571 -16.01 22.75 26.65
N GLY A 572 -15.77 24.05 26.56
CA GLY A 572 -14.93 24.74 27.53
C GLY A 572 -13.44 24.53 27.35
N ALA A 573 -12.99 24.34 26.12
CA ALA A 573 -11.56 24.21 25.85
C ALA A 573 -10.89 25.57 25.92
N ASP A 574 -9.72 25.61 26.57
CA ASP A 574 -8.95 26.85 26.69
C ASP A 574 -8.52 27.34 25.32
N VAL A 575 -9.14 28.43 24.86
CA VAL A 575 -8.85 28.94 23.51
C VAL A 575 -7.42 29.47 23.43
N ASN A 576 -6.85 29.89 24.55
CA ASN A 576 -5.51 30.46 24.59
C ASN A 576 -4.52 29.56 25.33
N ALA A 577 -4.69 28.25 25.20
CA ALA A 577 -3.76 27.32 25.84
C ALA A 577 -2.40 27.38 25.17
N ASN A 578 -1.35 27.29 25.97
CA ASN A 578 0.02 27.38 25.49
C ASN A 578 0.72 26.04 25.60
N ASP A 579 1.53 25.71 24.59
CA ASP A 579 2.42 24.56 24.67
C ASP A 579 3.72 25.01 25.36
N GLU A 580 4.75 24.16 25.34
CA GLU A 580 6.01 24.53 25.96
C GLU A 580 6.78 25.57 25.16
N ARG A 581 6.35 25.88 23.93
CA ARG A 581 6.98 26.89 23.11
C ARG A 581 6.22 28.21 23.12
N GLY A 582 5.08 28.29 23.81
CA GLY A 582 4.29 29.48 23.87
C GLY A 582 3.28 29.64 22.75
N HIS A 583 3.13 28.63 21.90
CA HIS A 583 2.19 28.71 20.79
C HIS A 583 0.77 28.46 21.28
N THR A 584 -0.15 29.31 20.86
CA THR A 584 -1.58 29.13 21.06
C THR A 584 -2.19 28.50 19.81
N PRO A 585 -3.42 27.97 19.92
CA PRO A 585 -4.09 27.47 18.70
C PRO A 585 -4.19 28.51 17.60
N LEU A 586 -4.22 29.79 17.94
CA LEU A 586 -4.24 30.83 16.91
C LEU A 586 -2.93 30.87 16.14
N HIS A 587 -1.81 30.66 16.83
CA HIS A 587 -0.52 30.55 16.14
C HIS A 587 -0.55 29.42 15.12
N LEU A 588 -1.01 28.24 15.53
CA LEU A 588 -0.97 27.07 14.67
C LEU A 588 -1.88 27.25 13.46
N ALA A 589 -3.05 27.86 13.66
CA ALA A 589 -3.97 28.06 12.55
C ALA A 589 -3.48 29.16 11.60
N ALA A 590 -2.85 30.21 12.13
CA ALA A 590 -2.30 31.25 11.28
C ALA A 590 -1.07 30.78 10.52
N TYR A 591 -0.36 29.77 11.03
CA TYR A 591 0.82 29.26 10.35
C TYR A 591 0.42 28.28 9.24
N THR A 592 -0.57 27.42 9.50
CA THR A 592 -1.00 26.43 8.52
C THR A 592 -1.91 27.01 7.45
N GLY A 593 -2.51 28.18 7.69
CA GLY A 593 -3.31 28.83 6.67
C GLY A 593 -4.77 28.44 6.65
N HIS A 594 -5.35 28.11 7.79
CA HIS A 594 -6.76 27.71 7.87
C HIS A 594 -7.56 28.94 8.30
N LEU A 595 -8.19 29.60 7.32
CA LEU A 595 -8.87 30.87 7.58
C LEU A 595 -10.05 30.70 8.51
N GLU A 596 -10.90 29.70 8.24
CA GLU A 596 -12.12 29.52 9.04
C GLU A 596 -11.79 29.24 10.50
N ILE A 597 -10.71 28.50 10.75
CA ILE A 597 -10.33 28.18 12.12
C ILE A 597 -9.81 29.43 12.84
N VAL A 598 -9.08 30.29 12.11
CA VAL A 598 -8.59 31.53 12.71
C VAL A 598 -9.77 32.40 13.17
N GLU A 599 -10.82 32.48 12.34
CA GLU A 599 -11.97 33.31 12.67
C GLU A 599 -12.74 32.74 13.86
N VAL A 600 -12.89 31.41 13.91
CA VAL A 600 -13.61 30.79 15.03
C VAL A 600 -12.88 31.02 16.34
N LEU A 601 -11.55 30.90 16.33
CA LEU A 601 -10.78 31.14 17.54
C LEU A 601 -10.91 32.59 18.00
N LEU A 602 -10.74 33.53 17.06
CA LEU A 602 -10.92 34.94 17.40
C LEU A 602 -12.34 35.23 17.85
N LYS A 603 -13.32 34.52 17.28
CA LYS A 603 -14.70 34.68 17.74
C LYS A 603 -14.85 34.23 19.19
N ASN A 604 -14.15 33.17 19.56
CA ASN A 604 -14.20 32.64 20.92
C ASN A 604 -13.15 33.25 21.84
N GLY A 605 -12.60 34.41 21.48
CA GLY A 605 -11.76 35.17 22.39
C GLY A 605 -10.30 34.85 22.34
N ALA A 606 -9.78 34.33 21.22
CA ALA A 606 -8.36 34.05 21.12
C ALA A 606 -7.57 35.35 21.11
N GLY A 607 -6.45 35.36 21.83
CA GLY A 607 -5.59 36.53 21.90
C GLY A 607 -4.92 36.85 20.59
N VAL A 608 -5.29 37.97 19.98
CA VAL A 608 -4.78 38.32 18.66
C VAL A 608 -3.31 38.72 18.70
N ASN A 609 -2.81 39.18 19.84
CA ASN A 609 -1.43 39.67 19.96
C ASN A 609 -0.59 38.82 20.90
N ALA A 610 -0.96 37.57 21.12
CA ALA A 610 -0.17 36.69 21.97
C ALA A 610 1.16 36.36 21.31
N THR A 611 2.23 36.44 22.08
CA THR A 611 3.58 36.17 21.62
C THR A 611 4.10 34.89 22.25
N ASP A 612 4.83 34.09 21.47
CA ASP A 612 5.39 32.85 22.01
C ASP A 612 6.68 33.15 22.78
N VAL A 613 7.53 32.13 22.94
CA VAL A 613 8.74 32.32 23.73
C VAL A 613 9.69 33.29 23.02
N ILE A 614 9.82 33.19 21.70
CA ILE A 614 10.73 34.03 20.95
C ILE A 614 10.02 35.29 20.47
N GLY A 615 8.84 35.56 21.05
CA GLY A 615 8.14 36.80 20.75
C GLY A 615 7.42 36.83 19.41
N THR A 616 7.01 35.67 18.90
CA THR A 616 6.33 35.60 17.62
C THR A 616 4.83 35.69 17.83
N ALA A 617 4.20 36.67 17.18
CA ALA A 617 2.76 36.87 17.20
C ALA A 617 2.11 36.20 16.00
N PRO A 618 0.80 35.94 16.06
CA PRO A 618 0.14 35.32 14.90
C PRO A 618 0.26 36.13 13.62
N LEU A 619 0.41 37.45 13.70
CA LEU A 619 0.61 38.25 12.50
C LEU A 619 1.96 37.94 11.83
N HIS A 620 2.97 37.59 12.63
CA HIS A 620 4.25 37.21 12.07
C HIS A 620 4.13 35.95 11.21
N LEU A 621 3.42 34.95 11.71
CA LEU A 621 3.30 33.69 10.98
C LEU A 621 2.50 33.86 9.70
N ALA A 622 1.37 34.56 9.76
CA ALA A 622 0.55 34.74 8.56
C ALA A 622 1.27 35.57 7.51
N ALA A 623 1.96 36.64 7.93
CA ALA A 623 2.67 37.47 6.97
C ALA A 623 3.89 36.76 6.39
N MET A 624 4.48 35.83 7.14
CA MET A 624 5.63 35.09 6.65
C MET A 624 5.24 34.06 5.59
N CYS A 625 4.04 33.50 5.69
CA CYS A 625 3.66 32.33 4.92
C CYS A 625 2.80 32.65 3.70
N GLY A 626 2.48 33.92 3.46
CA GLY A 626 1.66 34.27 2.31
C GLY A 626 0.18 34.02 2.51
N HIS A 627 -0.29 34.02 3.75
CA HIS A 627 -1.72 33.86 4.04
C HIS A 627 -2.35 35.25 4.08
N LEU A 628 -2.67 35.74 2.88
CA LEU A 628 -3.16 37.11 2.75
C LEU A 628 -4.47 37.32 3.50
N GLU A 629 -5.42 36.40 3.32
CA GLU A 629 -6.73 36.54 3.96
C GLU A 629 -6.61 36.48 5.48
N ILE A 630 -5.68 35.67 6.00
CA ILE A 630 -5.51 35.57 7.45
C ILE A 630 -4.90 36.84 8.01
N VAL A 631 -3.93 37.43 7.29
CA VAL A 631 -3.36 38.71 7.70
C VAL A 631 -4.46 39.76 7.81
N GLU A 632 -5.33 39.84 6.80
CA GLU A 632 -6.41 40.82 6.83
C GLU A 632 -7.34 40.58 8.01
N VAL A 633 -7.65 39.32 8.29
CA VAL A 633 -8.54 39.01 9.41
C VAL A 633 -7.90 39.36 10.74
N LEU A 634 -6.59 39.13 10.87
CA LEU A 634 -5.91 39.47 12.11
C LEU A 634 -5.93 40.98 12.37
N LEU A 635 -5.73 41.78 11.32
CA LEU A 635 -5.74 43.23 11.49
C LEU A 635 -7.10 43.74 11.93
N LYS A 636 -8.17 43.08 11.48
CA LYS A 636 -9.52 43.50 11.89
C LYS A 636 -9.71 43.35 13.39
N ASN A 637 -9.14 42.30 13.97
CA ASN A 637 -9.28 42.02 15.40
C ASN A 637 -8.22 42.71 16.25
N GLY A 638 -7.54 43.72 15.70
CA GLY A 638 -6.61 44.49 16.48
C GLY A 638 -5.20 43.95 16.56
N ALA A 639 -4.72 43.30 15.50
CA ALA A 639 -3.35 42.78 15.51
C ALA A 639 -2.35 43.93 15.51
N ASP A 640 -1.28 43.78 16.29
CA ASP A 640 -0.25 44.81 16.40
C ASP A 640 0.65 44.74 15.17
N VAL A 641 0.56 45.74 14.31
CA VAL A 641 1.36 45.74 13.09
C VAL A 641 2.83 45.99 13.36
N ASN A 642 3.16 46.57 14.52
CA ASN A 642 4.53 46.97 14.84
C ASN A 642 5.18 46.08 15.89
N ALA A 643 4.64 44.89 16.12
CA ALA A 643 5.26 43.96 17.06
C ALA A 643 6.52 43.36 16.46
N GLN A 644 7.51 43.13 17.31
CA GLN A 644 8.80 42.59 16.89
C GLN A 644 9.10 41.32 17.67
N ASP A 645 9.63 40.32 16.96
CA ASP A 645 10.10 39.12 17.62
C ASP A 645 11.46 39.37 18.27
N LYS A 646 12.06 38.31 18.82
CA LYS A 646 13.37 38.45 19.46
C LYS A 646 14.46 38.84 18.48
N PHE A 647 14.24 38.61 17.18
CA PHE A 647 15.21 38.97 16.14
C PHE A 647 14.96 40.37 15.58
N GLY A 648 14.03 41.13 16.15
CA GLY A 648 13.77 42.48 15.68
C GLY A 648 13.05 42.56 14.36
N LYS A 649 12.23 41.57 14.03
CA LYS A 649 11.52 41.50 12.76
C LYS A 649 10.04 41.82 13.00
N THR A 650 9.53 42.81 12.28
CA THR A 650 8.10 43.05 12.28
C THR A 650 7.43 42.16 11.24
N PRO A 651 6.10 41.95 11.34
CA PRO A 651 5.41 41.19 10.29
C PRO A 651 5.61 41.75 8.90
N PHE A 652 5.80 43.07 8.78
CA PHE A 652 6.13 43.65 7.48
C PHE A 652 7.51 43.21 7.02
N ASP A 653 8.46 43.10 7.94
CA ASP A 653 9.80 42.64 7.57
C ASP A 653 9.77 41.18 7.11
N LEU A 654 8.99 40.34 7.80
CA LEU A 654 8.94 38.92 7.44
C LEU A 654 8.27 38.71 6.09
N ALA A 655 7.31 39.55 5.73
CA ALA A 655 6.70 39.45 4.41
C ALA A 655 7.68 39.85 3.31
N ILE A 656 8.63 40.72 3.63
CA ILE A 656 9.64 41.12 2.65
C ILE A 656 10.71 40.04 2.51
N ASP A 657 11.16 39.48 3.63
CA ASP A 657 12.18 38.43 3.59
C ASP A 657 11.66 37.14 2.95
N ASN A 658 10.35 37.04 2.72
CA ASN A 658 9.76 35.87 2.07
C ASN A 658 9.24 36.14 0.67
N GLY A 659 9.23 37.39 0.22
CA GLY A 659 8.77 37.71 -1.12
C GLY A 659 7.27 37.82 -1.26
N ASN A 660 6.56 38.12 -0.18
CA ASN A 660 5.10 38.24 -0.20
C ASN A 660 4.76 39.72 -0.33
N GLU A 661 4.81 40.23 -1.55
CA GLU A 661 4.64 41.66 -1.78
C GLU A 661 3.19 42.10 -1.55
N ASP A 662 2.22 41.24 -1.86
CA ASP A 662 0.82 41.59 -1.63
C ASP A 662 0.54 41.80 -0.15
N ILE A 663 1.12 40.96 0.70
CA ILE A 663 0.96 41.15 2.15
C ILE A 663 1.76 42.34 2.63
N ALA A 664 2.94 42.57 2.04
CA ALA A 664 3.75 43.71 2.43
C ALA A 664 3.04 45.03 2.15
N GLU A 665 2.33 45.11 1.02
CA GLU A 665 1.59 46.33 0.68
C GLU A 665 0.49 46.61 1.70
N VAL A 666 -0.21 45.57 2.14
CA VAL A 666 -1.27 45.76 3.12
C VAL A 666 -0.70 46.20 4.45
N LEU A 667 0.43 45.62 4.85
CA LEU A 667 0.98 45.92 6.17
C LEU A 667 1.57 47.33 6.23
N GLN A 668 2.27 47.75 5.18
CA GLN A 668 2.97 49.04 5.23
C GLN A 668 1.99 50.20 5.30
N LYS A 669 0.77 50.02 4.80
CA LYS A 669 -0.24 51.07 4.84
C LYS A 669 -1.24 50.90 5.97
N ALA A 670 -1.36 49.69 6.52
CA ALA A 670 -2.11 49.51 7.75
C ALA A 670 -1.30 49.89 8.99
N ALA A 671 -0.05 50.28 8.81
CA ALA A 671 0.81 50.68 9.93
C ALA A 671 0.62 52.15 10.25
N LYS B 1 -15.14 -12.14 10.47
CA LYS B 1 -14.48 -10.92 10.91
C LYS B 1 -13.29 -10.59 10.02
N ARG B 2 -12.08 -10.82 10.53
CA ARG B 2 -10.84 -10.53 9.80
C ARG B 2 -10.26 -11.86 9.31
N LYS B 3 -10.79 -12.35 8.19
CA LYS B 3 -10.38 -13.62 7.61
C LYS B 3 -9.48 -13.31 6.41
N ARG B 4 -8.17 -13.48 6.60
CA ARG B 4 -7.17 -13.13 5.60
C ARG B 4 -6.62 -14.39 4.96
N LYS B 5 -6.58 -14.38 3.63
CA LYS B 5 -5.99 -15.48 2.86
C LYS B 5 -4.71 -15.00 2.20
N ARG B 6 -3.78 -15.93 2.00
CA ARG B 6 -2.47 -15.61 1.45
C ARG B 6 -2.11 -16.60 0.35
N LYS B 7 -1.74 -16.08 -0.81
CA LYS B 7 -1.27 -16.90 -1.92
C LYS B 7 0.22 -16.67 -2.14
N ARG B 8 0.84 -17.61 -2.85
CA ARG B 8 2.26 -17.53 -3.15
C ARG B 8 2.53 -18.15 -4.52
N LYS B 9 3.06 -17.35 -5.43
CA LYS B 9 3.55 -17.87 -6.70
C LYS B 9 5.05 -18.16 -6.59
N ARG B 10 5.53 -18.97 -7.53
CA ARG B 10 6.93 -19.39 -7.48
C ARG B 10 7.49 -19.63 -8.88
#